data_4XO4
#
_entry.id   4XO4
#
_cell.length_a   120.509
_cell.length_b   120.509
_cell.length_c   170.283
_cell.angle_alpha   90.00
_cell.angle_beta   90.00
_cell.angle_gamma   120.00
#
_symmetry.space_group_name_H-M   'P 31 2 1'
#
loop_
_entity.id
_entity.type
_entity.pdbx_description
1 polymer 'Aminopeptidase N'
2 non-polymer 'ZINC ION'
3 non-polymer METHIONINE
4 non-polymer 'SODIUM ION'
5 non-polymer GLYCEROL
6 non-polymer 'MALONATE ION'
7 water water
#
_entity_poly.entity_id   1
_entity_poly.type   'polypeptide(L)'
_entity_poly.pdbx_seq_one_letter_code
;MTQQPQAKYRHDYRAPDYQITDIDLTFDLDAQKTVVTAVSQAVRHGASDAPLRLNGEDLKLVSVHINDEPWTAWKEEEGA
LVISNLPERFTLKIINEISPAANTALEGLYQSGDALCTQCEAEGFRHITYYLDRPDVLARFTTKIIADKIKYPFLLSNGN
RVAQGELENGRHWVQWQDPFPKPCYLFALVAGDFDVLRDTFTTRSGREVALELYVDRGNLDRAPWAMTSLKNSMKWDEER
FGLEYDLDIYMIVAVDFFNMGAMENKGLNIFNSKYVLARTDTATDKDYLDIERVIGHEYFHNWTGNRVTCRDWFQLSLKE
GLTVFRDQEFSSDLGSRAVNRINNVRTMRGLQFAEDASPMAHPIRPDMVIEMNNFYTLTVYEKGAEVIRMIHTLLGEENF
QKGMQLYFERHDGSAATCDDFVQAMEDASNVDLSHFRRWYSQSGTPIVTVKDDYNPETEQYTLTISQRTPATPDQAEKQP
LHIPFAIELYDNEGKVIPLQKGGHPVNSVLNVTQAEQTFVFDNVYFQPVPALLCEFSAPVKLEYKWSDQQLTFLMRHARN
DFSRWDAAQSLLATYIKLNVARHQQGQPLSLPVHVADAFRAVLLDEKIDPALAAEILTLPSVNEMAELFDIIDPIAIAEV
REALTRTLATELADELLAIYNANYQSEYRVEHEDIAKRTLRNACLRFLAFGETHLADVLVSKQFHEANNMTDALAALSAA
VAAQLPCRDALMQEYDDKWHQNGLVMDKWFILQATSPAANVLETVRGLLQHRSFTMSNPNRIRSLIGAFAGSNPAAFHAE
DGSGYLFLVEMLTDLNSRNPQVASRLIEPLIRLKRYDAKRQEKMRAALEQLKGLENLSGDLYEKITKALA
;
_entity_poly.pdbx_strand_id   A
#
# COMPACT_ATOMS: atom_id res chain seq x y z
N MET A 1 -23.24 14.54 4.21
CA MET A 1 -23.11 15.30 2.93
C MET A 1 -21.84 15.15 2.05
N THR A 2 -22.14 14.78 0.82
CA THR A 2 -21.27 14.84 -0.31
C THR A 2 -21.33 16.28 -1.00
N GLN A 3 -21.62 17.36 -0.22
CA GLN A 3 -21.58 18.80 -0.67
C GLN A 3 -20.71 19.65 0.29
N GLN A 4 -19.61 20.21 -0.23
CA GLN A 4 -18.60 20.95 0.57
C GLN A 4 -18.03 22.07 -0.31
N PRO A 5 -17.96 23.31 0.23
CA PRO A 5 -17.26 24.35 -0.58
C PRO A 5 -15.78 23.99 -0.98
N GLN A 6 -15.09 23.17 -0.17
CA GLN A 6 -13.67 22.89 -0.32
C GLN A 6 -13.48 21.62 -1.21
N ALA A 7 -14.55 20.87 -1.50
CA ALA A 7 -14.43 19.62 -2.22
C ALA A 7 -14.28 19.87 -3.70
N LYS A 8 -13.49 19.02 -4.38
CA LYS A 8 -13.42 18.99 -5.83
C LYS A 8 -14.22 17.76 -6.30
N TYR A 9 -14.87 17.88 -7.46
CA TYR A 9 -15.71 16.84 -8.01
C TYR A 9 -15.23 16.39 -9.36
N ARG A 10 -15.16 15.09 -9.53
CA ARG A 10 -14.72 14.48 -10.77
C ARG A 10 -15.52 14.92 -11.96
N HIS A 11 -16.83 15.07 -11.76
CA HIS A 11 -17.72 15.41 -12.89
C HIS A 11 -17.50 16.84 -13.32
N ASP A 12 -16.84 17.65 -12.52
CA ASP A 12 -16.50 19.00 -12.92
C ASP A 12 -15.21 19.12 -13.71
N TYR A 13 -14.52 18.02 -14.05
CA TYR A 13 -13.28 18.11 -14.84
C TYR A 13 -13.57 18.87 -16.13
N ARG A 14 -12.73 19.84 -16.48
CA ARG A 14 -12.70 20.45 -17.85
C ARG A 14 -11.23 20.62 -18.30
N ALA A 15 -11.02 20.53 -19.60
CA ALA A 15 -9.73 20.72 -20.15
C ALA A 15 -9.23 22.12 -19.75
N PRO A 16 -7.94 22.27 -19.52
CA PRO A 16 -7.42 23.58 -19.15
C PRO A 16 -7.53 24.70 -20.25
N ASP A 17 -7.71 25.93 -19.78
CA ASP A 17 -7.70 27.10 -20.61
C ASP A 17 -6.31 27.39 -21.18
N TYR A 18 -5.26 26.97 -20.53
CA TYR A 18 -3.90 27.18 -20.93
C TYR A 18 -3.12 25.89 -20.82
N GLN A 19 -2.19 25.73 -21.72
CA GLN A 19 -1.16 24.70 -21.63
C GLN A 19 0.21 25.33 -21.46
N ILE A 20 1.09 24.57 -20.82
CA ILE A 20 2.51 24.86 -20.79
C ILE A 20 3.17 23.77 -21.60
N THR A 21 4.08 24.09 -22.51
CA THR A 21 4.82 23.12 -23.27
C THR A 21 6.25 22.86 -22.78
N ASP A 22 6.92 23.84 -22.21
CA ASP A 22 8.32 23.78 -21.79
C ASP A 22 8.47 24.67 -20.59
N ILE A 23 9.23 24.21 -19.60
CA ILE A 23 9.52 24.99 -18.44
C ILE A 23 11.04 24.83 -18.15
N ASP A 24 11.65 25.94 -17.87
CA ASP A 24 13.07 26.10 -17.54
C ASP A 24 13.13 26.65 -16.09
N LEU A 25 13.62 25.86 -15.18
CA LEU A 25 13.76 26.23 -13.80
C LEU A 25 15.19 26.47 -13.42
N THR A 26 15.39 27.42 -12.52
CA THR A 26 16.65 27.67 -11.88
C THR A 26 16.38 27.75 -10.39
N PHE A 27 17.14 26.99 -9.64
CA PHE A 27 17.10 26.99 -8.23
C PHE A 27 18.39 27.54 -7.69
N ASP A 28 18.30 28.63 -6.95
CA ASP A 28 19.38 29.15 -6.17
C ASP A 28 19.13 28.61 -4.77
N LEU A 29 19.76 27.48 -4.50
CA LEU A 29 19.40 26.68 -3.37
C LEU A 29 20.09 27.11 -2.08
N ASP A 30 19.29 27.21 -1.03
CA ASP A 30 19.78 27.41 0.31
C ASP A 30 18.65 26.94 1.24
N ALA A 31 19.03 26.29 2.33
CA ALA A 31 18.01 25.69 3.22
C ALA A 31 17.08 26.73 3.87
N GLN A 32 17.57 27.91 4.15
CA GLN A 32 16.76 28.94 4.75
C GLN A 32 15.97 29.69 3.70
N LYS A 33 16.55 29.89 2.52
CA LYS A 33 15.84 30.63 1.50
C LYS A 33 16.32 30.29 0.09
N THR A 34 15.44 29.68 -0.69
CA THR A 34 15.74 29.26 -2.01
C THR A 34 15.00 30.19 -2.95
N VAL A 35 15.69 30.64 -3.99
CA VAL A 35 15.09 31.48 -5.00
C VAL A 35 14.84 30.58 -6.20
N VAL A 36 13.63 30.59 -6.70
CA VAL A 36 13.26 29.81 -7.86
C VAL A 36 12.90 30.79 -8.98
N THR A 37 13.54 30.59 -10.13
CA THR A 37 13.17 31.27 -11.38
C THR A 37 12.56 30.23 -12.34
N ALA A 38 11.34 30.44 -12.79
CA ALA A 38 10.65 29.52 -13.66
C ALA A 38 10.22 30.26 -14.91
N VAL A 39 10.75 29.80 -16.06
CA VAL A 39 10.40 30.31 -17.33
C VAL A 39 9.61 29.27 -18.11
N SER A 40 8.35 29.55 -18.34
CA SER A 40 7.43 28.66 -19.01
C SER A 40 6.99 29.18 -20.34
N GLN A 41 6.91 28.30 -21.33
CA GLN A 41 6.30 28.61 -22.63
C GLN A 41 4.86 28.16 -22.62
N ALA A 42 3.95 29.09 -22.79
CA ALA A 42 2.54 28.84 -22.60
C ALA A 42 1.71 29.13 -23.81
N VAL A 43 0.55 28.49 -23.85
N VAL A 43 0.59 28.46 -23.90
CA VAL A 43 -0.39 28.53 -25.00
CA VAL A 43 -0.35 28.71 -24.96
C VAL A 43 -1.83 28.57 -24.53
C VAL A 43 -1.71 28.79 -24.32
N ARG A 44 -2.56 29.63 -24.89
CA ARG A 44 -3.97 29.73 -24.50
C ARG A 44 -4.80 28.93 -25.50
N HIS A 45 -5.57 27.98 -24.97
CA HIS A 45 -6.56 27.25 -25.68
C HIS A 45 -7.99 27.78 -25.46
N GLY A 46 -8.26 28.33 -24.29
CA GLY A 46 -9.60 28.79 -23.95
C GLY A 46 -9.87 30.18 -24.51
N ALA A 47 -10.85 30.86 -23.94
CA ALA A 47 -11.30 32.16 -24.48
C ALA A 47 -10.28 33.26 -24.15
N SER A 48 -10.27 34.28 -25.01
CA SER A 48 -9.31 35.36 -24.93
C SER A 48 -9.46 36.11 -23.63
N ASP A 49 -10.64 36.05 -23.03
CA ASP A 49 -10.81 36.68 -21.70
C ASP A 49 -10.68 35.78 -20.48
N ALA A 50 -10.28 34.53 -20.65
CA ALA A 50 -10.11 33.64 -19.48
C ALA A 50 -8.68 33.93 -18.94
N PRO A 51 -8.57 34.12 -17.65
CA PRO A 51 -7.21 34.43 -17.21
C PRO A 51 -6.44 33.13 -16.89
N LEU A 52 -5.14 33.23 -16.74
CA LEU A 52 -4.34 32.11 -16.33
C LEU A 52 -4.34 32.02 -14.82
N ARG A 53 -4.78 30.89 -14.27
CA ARG A 53 -4.87 30.64 -12.84
C ARG A 53 -3.80 29.67 -12.43
N LEU A 54 -2.80 30.16 -11.73
CA LEU A 54 -1.68 29.31 -11.37
C LEU A 54 -1.82 28.95 -9.92
N ASN A 55 -1.61 27.70 -9.58
CA ASN A 55 -1.62 27.30 -8.18
C ASN A 55 -0.33 27.66 -7.51
N GLY A 56 -0.39 28.07 -6.27
CA GLY A 56 0.82 28.31 -5.47
C GLY A 56 0.50 28.30 -3.99
N GLU A 57 1.37 27.73 -3.14
CA GLU A 57 1.12 27.68 -1.69
C GLU A 57 2.38 28.12 -0.94
N ASP A 58 2.24 29.09 -0.02
CA ASP A 58 3.34 29.59 0.82
C ASP A 58 4.55 30.01 -0.06
N LEU A 59 4.31 30.73 -1.13
CA LEU A 59 5.41 31.23 -1.98
C LEU A 59 5.52 32.72 -1.69
N LYS A 60 6.70 33.30 -1.76
CA LYS A 60 6.84 34.72 -1.73
C LYS A 60 7.18 35.14 -3.15
N LEU A 61 6.25 35.83 -3.77
CA LEU A 61 6.39 36.27 -5.13
C LEU A 61 7.29 37.49 -5.24
N VAL A 62 8.21 37.44 -6.14
CA VAL A 62 9.19 38.47 -6.32
C VAL A 62 8.92 39.21 -7.63
N SER A 63 8.61 38.50 -8.72
CA SER A 63 8.31 39.16 -9.96
C SER A 63 7.60 38.27 -10.96
N VAL A 64 6.85 38.92 -11.83
CA VAL A 64 6.05 38.30 -12.87
C VAL A 64 6.28 39.06 -14.16
N HIS A 65 6.78 38.40 -15.19
CA HIS A 65 6.98 38.99 -16.53
C HIS A 65 6.26 38.14 -17.58
N ILE A 66 5.80 38.77 -18.65
CA ILE A 66 5.18 38.12 -19.78
C ILE A 66 5.93 38.65 -20.96
N ASN A 67 6.60 37.79 -21.69
CA ASN A 67 7.50 38.14 -22.77
C ASN A 67 8.52 39.19 -22.39
N ASP A 68 9.17 39.04 -21.25
CA ASP A 68 10.09 40.03 -20.68
C ASP A 68 9.51 41.36 -20.28
N GLU A 69 8.18 41.47 -20.20
CA GLU A 69 7.55 42.69 -19.75
C GLU A 69 7.07 42.47 -18.32
N PRO A 70 7.55 43.30 -17.38
CA PRO A 70 7.01 43.20 -16.02
C PRO A 70 5.51 43.41 -16.05
N TRP A 71 4.74 42.53 -15.43
CA TRP A 71 3.29 42.51 -15.73
C TRP A 71 2.56 43.28 -14.63
N THR A 72 1.48 43.96 -15.00
CA THR A 72 0.60 44.62 -13.99
C THR A 72 -0.72 44.00 -13.86
N ALA A 73 -1.15 43.25 -14.86
CA ALA A 73 -2.51 42.68 -14.87
C ALA A 73 -2.55 41.31 -14.21
N TRP A 74 -2.37 41.31 -12.90
CA TRP A 74 -2.43 40.07 -12.13
C TRP A 74 -2.87 40.36 -10.72
N LYS A 75 -3.29 39.31 -10.01
CA LYS A 75 -3.54 39.37 -8.59
C LYS A 75 -3.26 38.03 -7.89
N GLU A 76 -2.93 38.11 -6.60
CA GLU A 76 -2.76 36.96 -5.73
C GLU A 76 -4.07 36.76 -4.99
N GLU A 77 -4.60 35.56 -5.04
CA GLU A 77 -5.75 35.12 -4.23
C GLU A 77 -5.32 33.88 -3.42
N GLU A 78 -6.23 33.33 -2.60
CA GLU A 78 -5.86 32.24 -1.69
C GLU A 78 -5.43 31.06 -2.55
N GLY A 79 -4.15 30.76 -2.47
CA GLY A 79 -3.57 29.59 -3.20
C GLY A 79 -3.39 29.76 -4.70
N ALA A 80 -3.39 31.02 -5.20
CA ALA A 80 -3.37 31.26 -6.65
C ALA A 80 -2.80 32.60 -7.08
N LEU A 81 -2.22 32.64 -8.26
CA LEU A 81 -1.81 33.85 -8.90
C LEU A 81 -2.62 33.83 -10.17
N VAL A 82 -3.41 34.89 -10.36
CA VAL A 82 -4.35 35.02 -11.49
C VAL A 82 -3.83 36.11 -12.42
N ILE A 83 -3.49 35.76 -13.66
CA ILE A 83 -2.89 36.65 -14.62
C ILE A 83 -3.89 36.87 -15.79
N SER A 84 -4.23 38.12 -16.06
CA SER A 84 -5.19 38.49 -17.10
C SER A 84 -4.51 39.09 -18.32
N ASN A 85 -5.29 39.21 -19.40
CA ASN A 85 -4.98 39.99 -20.57
C ASN A 85 -3.75 39.46 -21.30
N LEU A 86 -3.71 38.15 -21.43
CA LEU A 86 -2.57 37.49 -22.04
C LEU A 86 -2.71 37.32 -23.53
N PRO A 87 -1.58 37.37 -24.26
CA PRO A 87 -1.71 36.86 -25.61
C PRO A 87 -1.95 35.34 -25.67
N GLU A 88 -2.15 34.90 -26.88
CA GLU A 88 -2.36 33.53 -27.22
C GLU A 88 -1.14 32.64 -27.00
N ARG A 89 0.07 33.12 -27.28
CA ARG A 89 1.33 32.40 -26.99
C ARG A 89 2.28 33.35 -26.30
N PHE A 90 2.97 32.91 -25.26
CA PHE A 90 3.81 33.81 -24.52
C PHE A 90 4.74 33.05 -23.63
N THR A 91 5.76 33.75 -23.19
CA THR A 91 6.70 33.30 -22.16
C THR A 91 6.37 33.94 -20.84
N LEU A 92 6.11 33.10 -19.86
CA LEU A 92 5.88 33.50 -18.49
C LEU A 92 7.14 33.33 -17.68
N LYS A 93 7.58 34.36 -17.00
CA LYS A 93 8.69 34.27 -16.03
C LYS A 93 8.24 34.65 -14.63
N ILE A 94 8.45 33.70 -13.70
CA ILE A 94 8.08 33.91 -12.31
C ILE A 94 9.37 33.78 -11.51
N ILE A 95 9.59 34.68 -10.53
CA ILE A 95 10.61 34.51 -9.53
C ILE A 95 9.92 34.52 -8.21
N ASN A 96 10.26 33.54 -7.40
CA ASN A 96 9.68 33.37 -6.07
C ASN A 96 10.60 32.75 -5.08
N GLU A 97 10.32 32.97 -3.81
CA GLU A 97 11.14 32.45 -2.74
C GLU A 97 10.38 31.43 -1.91
N ILE A 98 11.13 30.43 -1.42
CA ILE A 98 10.57 29.38 -0.52
C ILE A 98 11.56 29.04 0.52
N SER A 99 11.13 28.32 1.50
CA SER A 99 11.99 28.06 2.63
C SER A 99 12.01 26.59 3.01
N PRO A 100 12.95 25.83 2.46
CA PRO A 100 12.95 24.37 2.78
C PRO A 100 13.04 23.97 4.24
N ALA A 101 13.85 24.70 4.97
CA ALA A 101 14.05 24.41 6.40
C ALA A 101 12.78 24.63 7.26
N ALA A 102 11.81 25.40 6.83
CA ALA A 102 10.61 25.54 7.63
C ALA A 102 9.56 24.52 7.22
N ASN A 103 9.84 23.70 6.23
CA ASN A 103 8.88 22.79 5.67
C ASN A 103 8.83 21.47 6.47
N THR A 104 8.03 21.44 7.53
CA THR A 104 7.87 20.25 8.36
C THR A 104 6.86 19.29 7.76
N ALA A 105 6.01 19.72 6.81
CA ALA A 105 5.03 18.83 6.21
C ALA A 105 5.62 17.85 5.17
N LEU A 106 6.79 18.18 4.71
CA LEU A 106 7.54 17.33 3.75
C LEU A 106 6.79 17.15 2.43
N GLU A 107 6.30 18.25 1.89
CA GLU A 107 5.57 18.37 0.67
C GLU A 107 6.22 19.55 -0.04
N GLY A 108 6.59 19.43 -1.31
CA GLY A 108 7.44 20.46 -1.98
C GLY A 108 8.94 20.21 -1.77
N LEU A 109 9.69 21.26 -1.47
CA LEU A 109 11.13 21.17 -1.29
C LEU A 109 11.43 21.28 0.16
N TYR A 110 12.10 20.29 0.71
CA TYR A 110 12.30 20.21 2.11
C TYR A 110 13.64 19.61 2.46
N GLN A 111 13.91 19.55 3.73
CA GLN A 111 15.20 19.08 4.19
C GLN A 111 15.04 17.67 4.82
N SER A 112 15.88 16.74 4.40
CA SER A 112 15.98 15.39 5.04
C SER A 112 17.37 15.25 5.56
N GLY A 113 17.54 15.50 6.86
CA GLY A 113 18.91 15.57 7.48
C GLY A 113 19.64 16.81 6.94
N ASP A 114 20.77 16.58 6.31
CA ASP A 114 21.50 17.62 5.64
C ASP A 114 21.11 17.73 4.16
N ALA A 115 20.45 16.71 3.59
CA ALA A 115 20.00 16.80 2.18
C ALA A 115 18.76 17.70 1.95
N LEU A 116 18.65 18.24 0.74
CA LEU A 116 17.45 18.85 0.25
C LEU A 116 16.85 17.93 -0.77
N CYS A 117 15.54 17.73 -0.70
CA CYS A 117 14.84 16.82 -1.63
C CYS A 117 13.40 17.28 -1.79
N THR A 118 12.73 16.76 -2.79
CA THR A 118 11.40 17.17 -3.14
C THR A 118 10.43 16.02 -2.96
N GLN A 119 9.16 16.37 -2.73
CA GLN A 119 8.03 15.46 -2.97
C GLN A 119 6.90 16.28 -3.59
N CYS A 120 6.57 16.02 -4.85
CA CYS A 120 5.61 16.77 -5.61
C CYS A 120 4.28 16.08 -5.80
N GLU A 121 4.21 14.78 -5.68
CA GLU A 121 2.90 14.09 -5.85
C GLU A 121 2.10 14.24 -4.55
N ALA A 122 0.82 14.59 -4.56
CA ALA A 122 0.02 14.90 -5.78
C ALA A 122 0.15 16.37 -6.19
N GLU A 123 0.11 17.26 -5.20
CA GLU A 123 0.03 18.72 -5.43
C GLU A 123 1.08 19.55 -4.64
N GLY A 124 2.29 19.04 -4.69
CA GLY A 124 3.42 19.56 -4.01
C GLY A 124 4.22 20.55 -4.87
N PHE A 125 4.15 20.49 -6.19
CA PHE A 125 4.98 21.38 -7.05
C PHE A 125 4.56 22.84 -6.84
N ARG A 126 3.28 23.06 -6.58
CA ARG A 126 2.77 24.41 -6.22
C ARG A 126 3.39 25.01 -4.97
N HIS A 127 4.03 24.19 -4.14
CA HIS A 127 4.83 24.71 -3.01
C HIS A 127 6.23 25.14 -3.39
N ILE A 128 6.59 24.92 -4.65
CA ILE A 128 7.86 25.30 -5.20
C ILE A 128 7.74 26.56 -6.09
N THR A 129 6.80 26.61 -7.04
CA THR A 129 6.56 27.80 -7.81
C THR A 129 5.12 27.81 -8.26
N TYR A 130 4.70 28.93 -8.81
CA TYR A 130 3.32 29.12 -9.29
C TYR A 130 3.23 28.34 -10.62
N TYR A 131 2.30 27.40 -10.74
CA TYR A 131 2.25 26.54 -11.94
C TYR A 131 0.83 26.04 -12.19
N LEU A 132 0.63 25.41 -13.34
CA LEU A 132 -0.59 24.68 -13.59
C LEU A 132 -0.36 23.27 -13.00
N ASP A 133 -0.65 23.17 -11.69
CA ASP A 133 -0.31 22.00 -10.93
C ASP A 133 -1.43 20.97 -11.00
N ARG A 134 -1.49 20.34 -12.15
CA ARG A 134 -2.56 19.43 -12.55
C ARG A 134 -1.95 18.49 -13.63
N PRO A 135 -2.24 17.20 -13.58
CA PRO A 135 -1.40 16.27 -14.31
C PRO A 135 -1.77 16.10 -15.78
N ASP A 136 -2.82 16.78 -16.25
CA ASP A 136 -3.05 16.89 -17.67
C ASP A 136 -2.26 18.03 -18.34
N VAL A 137 -1.40 18.75 -17.62
CA VAL A 137 -0.49 19.71 -18.22
C VAL A 137 0.90 19.05 -18.22
N LEU A 138 1.35 18.62 -19.39
CA LEU A 138 2.64 17.97 -19.56
C LEU A 138 3.58 18.88 -20.27
N ALA A 139 4.80 18.97 -19.80
CA ALA A 139 5.78 19.92 -20.35
C ALA A 139 7.17 19.29 -20.29
N ARG A 140 8.06 19.78 -21.15
CA ARG A 140 9.47 19.42 -21.15
C ARG A 140 10.21 20.32 -20.19
N PHE A 141 10.89 19.71 -19.22
CA PHE A 141 11.62 20.38 -18.15
C PHE A 141 13.12 20.43 -18.42
N THR A 142 13.68 21.59 -18.12
N THR A 142 13.70 21.60 -18.18
CA THR A 142 15.10 21.84 -18.01
CA THR A 142 15.11 21.70 -17.94
C THR A 142 15.26 22.45 -16.67
C THR A 142 15.24 22.40 -16.64
N THR A 143 16.21 21.96 -15.86
CA THR A 143 16.38 22.34 -14.48
C THR A 143 17.82 22.62 -14.14
N LYS A 144 18.11 23.85 -13.75
CA LYS A 144 19.42 24.28 -13.33
C LYS A 144 19.40 24.51 -11.82
N ILE A 145 20.42 23.97 -11.17
CA ILE A 145 20.56 24.03 -9.76
C ILE A 145 21.91 24.64 -9.41
N ILE A 146 21.88 25.57 -8.47
CA ILE A 146 23.07 26.28 -8.02
C ILE A 146 23.12 26.17 -6.51
N ALA A 147 24.26 25.76 -5.99
CA ALA A 147 24.40 25.52 -4.58
C ALA A 147 25.86 25.57 -4.09
N ASP A 148 25.97 25.61 -2.78
CA ASP A 148 27.26 25.48 -2.08
C ASP A 148 27.84 24.11 -2.33
N LYS A 149 29.06 24.09 -2.85
CA LYS A 149 29.66 22.85 -3.30
C LYS A 149 30.07 21.88 -2.16
N ILE A 150 30.44 22.40 -1.00
CA ILE A 150 30.87 21.58 0.13
C ILE A 150 29.64 20.98 0.73
N LYS A 151 28.59 21.79 0.93
CA LYS A 151 27.41 21.25 1.52
C LYS A 151 26.59 20.36 0.52
N TYR A 152 26.57 20.70 -0.76
CA TYR A 152 25.74 19.98 -1.73
C TYR A 152 26.58 19.58 -2.98
N PRO A 153 27.48 18.63 -2.84
CA PRO A 153 28.31 18.20 -3.94
C PRO A 153 27.53 17.49 -5.08
N PHE A 154 26.45 16.80 -4.77
CA PHE A 154 25.59 16.21 -5.79
C PHE A 154 24.33 17.04 -5.93
N LEU A 155 24.08 17.42 -7.16
CA LEU A 155 22.90 18.18 -7.52
C LEU A 155 22.19 17.46 -8.67
N LEU A 156 21.06 16.87 -8.33
CA LEU A 156 20.35 15.96 -9.23
C LEU A 156 18.98 16.48 -9.59
N SER A 157 18.58 16.22 -10.80
CA SER A 157 17.18 16.36 -11.22
C SER A 157 16.90 15.35 -12.31
N ASN A 158 15.66 15.34 -12.85
CA ASN A 158 15.26 14.38 -13.84
C ASN A 158 16.12 14.45 -15.12
N GLY A 159 16.41 13.29 -15.71
CA GLY A 159 16.99 13.20 -17.05
C GLY A 159 18.50 13.12 -17.02
N ASN A 160 19.16 13.87 -17.88
CA ASN A 160 20.61 13.84 -18.05
C ASN A 160 21.21 15.19 -17.77
N ARG A 161 22.47 15.20 -17.39
CA ARG A 161 23.21 16.44 -17.19
C ARG A 161 23.58 17.05 -18.53
N VAL A 162 23.11 18.25 -18.82
CA VAL A 162 23.43 18.91 -20.04
C VAL A 162 24.40 20.09 -19.88
N ALA A 163 24.66 20.52 -18.66
CA ALA A 163 25.59 21.64 -18.44
C ALA A 163 25.99 21.62 -17.02
N GLN A 164 27.12 22.26 -16.80
CA GLN A 164 27.67 22.37 -15.44
C GLN A 164 28.78 23.41 -15.38
N GLY A 165 28.87 24.02 -14.20
CA GLY A 165 29.84 25.01 -13.89
C GLY A 165 30.17 25.24 -12.43
N GLU A 166 31.18 26.09 -12.27
CA GLU A 166 31.81 26.41 -11.00
C GLU A 166 31.71 27.95 -10.97
N LEU A 167 31.31 28.52 -9.83
CA LEU A 167 31.19 29.94 -9.62
C LEU A 167 32.16 30.38 -8.49
N GLU A 168 32.25 31.69 -8.32
CA GLU A 168 32.96 32.27 -7.20
C GLU A 168 32.17 31.93 -5.87
N ASN A 169 32.86 32.01 -4.75
CA ASN A 169 32.29 31.85 -3.39
C ASN A 169 31.88 30.44 -3.10
N GLY A 170 32.58 29.49 -3.70
CA GLY A 170 32.40 28.10 -3.36
C GLY A 170 31.06 27.52 -3.84
N ARG A 171 30.48 28.10 -4.87
CA ARG A 171 29.28 27.58 -5.44
C ARG A 171 29.58 26.91 -6.76
N HIS A 172 28.71 25.98 -7.07
CA HIS A 172 28.65 25.32 -8.36
C HIS A 172 27.21 25.06 -8.87
N TRP A 173 27.11 24.60 -10.12
CA TRP A 173 25.84 24.41 -10.73
C TRP A 173 25.84 23.28 -11.71
N VAL A 174 24.66 22.68 -11.85
CA VAL A 174 24.46 21.58 -12.75
C VAL A 174 23.10 21.85 -13.37
N GLN A 175 23.01 21.61 -14.66
CA GLN A 175 21.74 21.61 -15.37
C GLN A 175 21.37 20.27 -15.99
N TRP A 176 20.09 19.98 -15.90
CA TRP A 176 19.50 18.72 -16.29
C TRP A 176 18.37 18.94 -17.29
N GLN A 177 18.17 17.96 -18.16
CA GLN A 177 17.09 17.99 -19.12
C GLN A 177 16.52 16.60 -19.24
N ASP A 178 15.21 16.53 -19.27
CA ASP A 178 14.51 15.29 -19.48
C ASP A 178 13.70 15.43 -20.76
N PRO A 179 13.90 14.59 -21.77
CA PRO A 179 13.23 14.82 -23.03
C PRO A 179 11.73 14.49 -23.06
N PHE A 180 11.25 13.77 -22.08
CA PHE A 180 9.89 13.32 -22.09
C PHE A 180 9.03 14.39 -21.41
N PRO A 181 7.99 14.86 -22.07
CA PRO A 181 7.04 15.71 -21.36
C PRO A 181 6.45 15.03 -20.14
N LYS A 182 6.32 15.79 -19.06
CA LYS A 182 5.76 15.27 -17.86
C LYS A 182 4.86 16.27 -17.13
N PRO A 183 3.88 15.74 -16.37
CA PRO A 183 3.19 16.57 -15.39
C PRO A 183 4.16 16.93 -14.28
N CYS A 184 3.92 18.03 -13.61
CA CYS A 184 4.84 18.50 -12.62
C CYS A 184 4.92 17.63 -11.39
N TYR A 185 3.93 16.76 -11.11
CA TYR A 185 4.12 15.84 -9.94
C TYR A 185 5.33 14.92 -10.01
N LEU A 186 5.87 14.76 -11.20
CA LEU A 186 6.97 13.88 -11.47
C LEU A 186 8.31 14.62 -11.47
N PHE A 187 8.29 15.90 -11.15
CA PHE A 187 9.54 16.67 -11.05
C PHE A 187 10.24 16.26 -9.77
N ALA A 188 11.55 16.20 -9.80
CA ALA A 188 12.32 16.00 -8.59
C ALA A 188 13.59 16.76 -8.60
N LEU A 189 14.05 17.09 -7.38
CA LEU A 189 15.37 17.63 -7.14
C LEU A 189 15.93 17.08 -5.85
N VAL A 190 17.20 16.75 -5.90
CA VAL A 190 17.97 16.34 -4.73
C VAL A 190 19.29 17.08 -4.73
N ALA A 191 19.69 17.54 -3.54
CA ALA A 191 20.96 18.16 -3.34
C ALA A 191 21.52 17.67 -2.02
N GLY A 192 22.75 17.19 -2.05
CA GLY A 192 23.37 16.71 -0.84
C GLY A 192 24.66 16.01 -1.06
N ASP A 193 25.13 15.37 0.01
CA ASP A 193 26.35 14.58 -0.02
C ASP A 193 25.96 13.10 0.24
N PHE A 194 26.43 12.20 -0.63
CA PHE A 194 25.99 10.81 -0.62
C PHE A 194 27.18 9.91 -0.96
N ASP A 195 27.14 8.66 -0.48
CA ASP A 195 27.79 7.54 -1.15
C ASP A 195 26.86 7.05 -2.31
N VAL A 196 27.47 6.51 -3.37
CA VAL A 196 26.77 6.18 -4.58
C VAL A 196 27.17 4.79 -4.99
N LEU A 197 26.20 3.90 -5.13
CA LEU A 197 26.45 2.58 -5.68
C LEU A 197 26.13 2.69 -7.20
N ARG A 198 27.08 2.32 -8.05
CA ARG A 198 26.93 2.52 -9.48
C ARG A 198 26.95 1.20 -10.13
N ASP A 199 26.07 1.00 -11.11
CA ASP A 199 26.06 -0.30 -11.81
C ASP A 199 25.49 0.00 -13.18
N THR A 200 25.25 -1.03 -14.01
CA THR A 200 24.65 -0.82 -15.31
C THR A 200 23.70 -1.95 -15.60
N PHE A 201 22.77 -1.72 -16.51
CA PHE A 201 21.90 -2.72 -16.99
C PHE A 201 21.83 -2.51 -18.52
N THR A 202 21.84 -3.60 -19.25
CA THR A 202 21.73 -3.51 -20.70
C THR A 202 20.37 -4.03 -21.05
N THR A 203 19.59 -3.19 -21.71
CA THR A 203 18.25 -3.58 -22.02
C THR A 203 18.27 -4.66 -23.11
N ARG A 204 17.14 -5.27 -23.30
CA ARG A 204 17.00 -6.32 -24.27
C ARG A 204 17.38 -5.87 -25.72
N SER A 205 17.16 -4.62 -26.10
CA SER A 205 17.49 -4.22 -27.42
C SER A 205 18.87 -3.60 -27.44
N GLY A 206 19.60 -3.66 -26.32
CA GLY A 206 20.98 -3.19 -26.25
C GLY A 206 21.23 -1.79 -25.70
N ARG A 207 20.23 -1.10 -25.15
CA ARG A 207 20.48 0.23 -24.59
C ARG A 207 21.20 0.03 -23.21
N GLU A 208 22.29 0.73 -22.99
CA GLU A 208 23.04 0.63 -21.73
C GLU A 208 22.55 1.73 -20.78
N VAL A 209 22.16 1.32 -19.58
CA VAL A 209 21.60 2.24 -18.63
C VAL A 209 22.51 2.33 -17.45
N ALA A 210 22.91 3.53 -17.11
CA ALA A 210 23.65 3.72 -15.88
C ALA A 210 22.67 3.71 -14.67
N LEU A 211 22.94 2.88 -13.66
CA LEU A 211 22.13 2.79 -12.48
C LEU A 211 22.90 3.39 -11.31
N GLU A 212 22.26 4.28 -10.57
CA GLU A 212 22.94 5.01 -9.48
C GLU A 212 22.05 5.11 -8.29
N LEU A 213 22.52 4.54 -7.20
CA LEU A 213 21.78 4.55 -5.95
C LEU A 213 22.54 5.40 -4.96
N TYR A 214 21.92 6.48 -4.53
CA TYR A 214 22.47 7.46 -3.62
C TYR A 214 21.93 7.20 -2.23
N VAL A 215 22.84 7.04 -1.29
CA VAL A 215 22.48 6.75 0.10
C VAL A 215 23.34 7.61 1.02
N ASP A 216 22.92 7.81 2.27
CA ASP A 216 23.71 8.58 3.20
C ASP A 216 25.12 7.98 3.33
N ARG A 217 26.10 8.84 3.57
CA ARG A 217 27.50 8.39 3.75
C ARG A 217 27.52 7.27 4.78
N GLY A 218 28.18 6.16 4.49
CA GLY A 218 28.25 5.06 5.47
C GLY A 218 27.27 3.91 5.25
N ASN A 219 26.35 4.02 4.25
CA ASN A 219 25.28 3.06 4.06
C ASN A 219 25.42 2.21 2.84
N LEU A 220 26.57 2.27 2.19
CA LEU A 220 26.75 1.53 0.98
C LEU A 220 26.69 0.04 1.19
N ASP A 221 27.03 -0.40 2.40
CA ASP A 221 26.91 -1.80 2.76
C ASP A 221 25.46 -2.34 2.76
N ARG A 222 24.48 -1.45 2.79
CA ARG A 222 23.08 -1.83 2.83
C ARG A 222 22.39 -1.57 1.46
N ALA A 223 23.15 -1.23 0.45
CA ALA A 223 22.62 -0.89 -0.89
C ALA A 223 22.53 -2.00 -1.94
N PRO A 224 23.38 -3.04 -1.88
CA PRO A 224 23.34 -3.98 -3.00
C PRO A 224 22.01 -4.69 -3.27
N TRP A 225 21.21 -5.00 -2.24
CA TRP A 225 19.97 -5.76 -2.54
C TRP A 225 18.95 -4.92 -3.39
N ALA A 226 18.86 -3.66 -3.06
CA ALA A 226 18.03 -2.74 -3.81
C ALA A 226 18.50 -2.61 -5.24
N MET A 227 19.81 -2.53 -5.42
CA MET A 227 20.33 -2.53 -6.79
C MET A 227 19.98 -3.77 -7.56
N THR A 228 20.20 -4.90 -6.92
CA THR A 228 19.85 -6.20 -7.54
C THR A 228 18.35 -6.29 -7.92
N SER A 229 17.50 -5.79 -7.02
CA SER A 229 16.06 -5.77 -7.23
C SER A 229 15.67 -4.83 -8.36
N LEU A 230 16.40 -3.71 -8.53
CA LEU A 230 16.15 -2.86 -9.66
C LEU A 230 16.44 -3.57 -10.94
N LYS A 231 17.59 -4.23 -10.98
CA LYS A 231 17.90 -5.01 -12.16
C LYS A 231 16.89 -6.10 -12.41
N ASN A 232 16.48 -6.80 -11.37
CA ASN A 232 15.43 -7.76 -11.54
C ASN A 232 14.14 -7.17 -12.09
N SER A 233 13.75 -6.00 -11.59
CA SER A 233 12.55 -5.27 -12.07
C SER A 233 12.60 -5.01 -13.58
N MET A 234 13.78 -4.55 -14.01
CA MET A 234 13.95 -4.17 -15.42
C MET A 234 13.85 -5.39 -16.29
N LYS A 235 14.54 -6.44 -15.90
CA LYS A 235 14.53 -7.70 -16.65
C LYS A 235 13.12 -8.24 -16.69
N TRP A 236 12.43 -8.28 -15.55
CA TRP A 236 11.06 -8.80 -15.53
C TRP A 236 10.10 -7.98 -16.37
N ASP A 237 10.19 -6.66 -16.34
CA ASP A 237 9.25 -5.91 -17.15
C ASP A 237 9.41 -6.23 -18.63
N GLU A 238 10.66 -6.41 -19.02
CA GLU A 238 10.97 -6.90 -20.36
C GLU A 238 10.38 -8.26 -20.71
N GLU A 239 10.61 -9.23 -19.87
CA GLU A 239 10.08 -10.58 -20.08
C GLU A 239 8.60 -10.72 -20.04
N ARG A 240 7.94 -10.09 -19.06
CA ARG A 240 6.50 -10.30 -18.90
C ARG A 240 5.66 -9.32 -19.77
N PHE A 241 6.03 -8.04 -19.79
CA PHE A 241 5.25 -7.00 -20.47
C PHE A 241 5.91 -6.43 -21.74
N GLY A 242 7.14 -6.85 -22.07
CA GLY A 242 7.79 -6.37 -23.24
C GLY A 242 8.16 -4.90 -23.11
N LEU A 243 8.43 -4.42 -21.90
CA LEU A 243 8.67 -3.01 -21.70
C LEU A 243 10.12 -2.79 -21.29
N GLU A 244 10.76 -1.81 -21.94
CA GLU A 244 12.11 -1.41 -21.64
C GLU A 244 12.21 0.01 -21.09
N TYR A 245 13.26 0.28 -20.30
CA TYR A 245 13.56 1.64 -19.84
C TYR A 245 13.96 2.50 -21.05
N ASP A 246 13.63 3.76 -20.96
CA ASP A 246 13.60 4.65 -22.04
C ASP A 246 14.59 5.81 -21.91
N LEU A 247 15.43 5.82 -20.87
CA LEU A 247 16.43 6.84 -20.64
C LEU A 247 17.79 6.14 -20.44
N ASP A 248 18.78 6.98 -20.20
CA ASP A 248 20.19 6.62 -20.10
C ASP A 248 20.68 6.41 -18.67
N ILE A 249 19.99 7.05 -17.71
CA ILE A 249 20.34 6.95 -16.33
C ILE A 249 19.08 6.64 -15.55
N TYR A 250 19.23 5.80 -14.54
CA TYR A 250 18.17 5.52 -13.57
C TYR A 250 18.80 5.84 -12.19
N MET A 251 18.33 6.89 -11.56
CA MET A 251 18.78 7.27 -10.23
C MET A 251 17.69 7.00 -9.16
N ILE A 252 18.14 6.51 -8.01
CA ILE A 252 17.32 6.30 -6.84
C ILE A 252 18.04 7.01 -5.70
N VAL A 253 17.33 7.80 -4.92
CA VAL A 253 17.91 8.39 -3.76
C VAL A 253 17.14 7.92 -2.53
N ALA A 254 17.85 7.40 -1.52
CA ALA A 254 17.24 6.98 -0.26
C ALA A 254 17.29 8.08 0.79
N VAL A 255 16.15 8.53 1.28
CA VAL A 255 16.13 9.64 2.25
C VAL A 255 15.39 9.19 3.49
N ASP A 256 15.82 9.67 4.64
CA ASP A 256 15.25 9.19 5.94
C ASP A 256 13.90 9.82 6.31
N PHE A 257 13.65 11.00 5.81
CA PHE A 257 12.43 11.76 6.11
C PHE A 257 11.55 11.78 4.86
N PHE A 258 10.49 10.99 4.87
CA PHE A 258 9.67 10.79 3.69
C PHE A 258 8.33 10.33 4.21
N ASN A 259 7.25 11.00 3.79
CA ASN A 259 5.94 10.63 4.27
C ASN A 259 5.34 9.31 3.74
N MET A 260 5.62 8.96 2.51
CA MET A 260 5.11 7.72 1.95
CA MET A 260 5.07 7.69 1.99
C MET A 260 6.21 6.66 1.83
N GLY A 261 6.12 5.75 0.89
CA GLY A 261 7.10 4.72 0.76
C GLY A 261 8.17 5.16 -0.23
N ALA A 262 7.74 5.56 -1.41
CA ALA A 262 8.67 5.89 -2.49
C ALA A 262 7.96 6.62 -3.61
N MET A 263 8.70 7.18 -4.56
CA MET A 263 8.13 8.07 -5.56
C MET A 263 8.81 7.89 -6.91
N GLU A 264 8.00 7.68 -7.94
CA GLU A 264 8.45 7.32 -9.28
C GLU A 264 8.88 8.51 -10.16
N ASN A 265 9.45 9.55 -9.58
CA ASN A 265 9.85 10.73 -10.41
C ASN A 265 10.76 10.23 -11.58
N LYS A 266 10.47 10.67 -12.80
CA LYS A 266 11.10 10.10 -14.03
C LYS A 266 12.61 10.16 -13.98
N GLY A 267 13.25 8.99 -14.00
CA GLY A 267 14.72 8.90 -13.93
C GLY A 267 15.38 9.23 -12.61
N LEU A 268 14.59 9.65 -11.61
CA LEU A 268 15.11 10.09 -10.33
C LEU A 268 14.11 9.76 -9.26
N ASN A 269 14.01 8.48 -8.95
CA ASN A 269 13.10 8.06 -7.92
C ASN A 269 13.67 8.50 -6.55
N ILE A 270 12.80 8.90 -5.64
CA ILE A 270 13.13 9.23 -4.27
C ILE A 270 12.35 8.22 -3.37
N PHE A 271 13.06 7.53 -2.48
CA PHE A 271 12.59 6.39 -1.71
C PHE A 271 12.78 6.72 -0.24
N ASN A 272 11.77 6.39 0.55
CA ASN A 272 12.00 6.20 2.00
C ASN A 272 13.12 5.12 2.16
N SER A 273 14.13 5.41 2.98
CA SER A 273 15.22 4.52 3.16
C SER A 273 14.80 3.16 3.77
N LYS A 274 13.65 3.12 4.40
CA LYS A 274 13.00 1.88 4.76
C LYS A 274 12.85 0.90 3.59
N TYR A 275 12.62 1.39 2.39
CA TYR A 275 12.44 0.54 1.24
C TYR A 275 13.67 0.50 0.35
N VAL A 276 14.83 0.73 0.94
CA VAL A 276 16.08 0.56 0.22
C VAL A 276 17.09 -0.22 1.04
N LEU A 277 17.33 0.18 2.28
CA LEU A 277 18.51 -0.28 3.00
C LEU A 277 18.27 -1.61 3.68
N ALA A 278 19.15 -2.56 3.40
CA ALA A 278 19.06 -3.88 4.03
C ALA A 278 20.44 -4.55 4.10
N ARG A 279 20.71 -5.16 5.24
CA ARG A 279 21.64 -6.22 5.30
C ARG A 279 21.18 -7.28 6.26
N THR A 280 21.79 -8.45 6.21
CA THR A 280 21.21 -9.62 6.93
C THR A 280 21.03 -9.39 8.44
N ASP A 281 21.85 -8.56 9.04
CA ASP A 281 21.78 -8.31 10.46
C ASP A 281 20.88 -7.08 10.82
N THR A 282 20.38 -6.33 9.82
CA THR A 282 19.44 -5.22 10.06
C THR A 282 18.02 -5.42 9.53
N ALA A 283 17.83 -6.35 8.61
CA ALA A 283 16.57 -6.45 7.89
C ALA A 283 16.15 -7.89 7.87
N THR A 284 14.83 -8.11 7.94
CA THR A 284 14.20 -9.41 7.93
C THR A 284 13.92 -9.82 6.50
N ASP A 285 13.65 -11.10 6.32
CA ASP A 285 13.25 -11.62 5.04
C ASP A 285 12.11 -10.78 4.45
N LYS A 286 11.12 -10.50 5.25
CA LYS A 286 9.96 -9.68 4.85
C LYS A 286 10.43 -8.27 4.40
N ASP A 287 11.37 -7.64 5.12
CA ASP A 287 12.00 -6.41 4.63
C ASP A 287 12.62 -6.55 3.22
N TYR A 288 13.39 -7.60 3.00
CA TYR A 288 14.00 -7.83 1.67
C TYR A 288 12.90 -7.94 0.59
N LEU A 289 11.85 -8.70 0.87
CA LEU A 289 10.77 -8.85 -0.08
C LEU A 289 9.97 -7.57 -0.30
N ASP A 290 9.90 -6.73 0.73
CA ASP A 290 9.22 -5.42 0.64
C ASP A 290 10.05 -4.46 -0.19
N ILE A 291 11.36 -4.50 0.03
CA ILE A 291 12.25 -3.69 -0.80
C ILE A 291 12.10 -4.09 -2.26
N GLU A 292 12.10 -5.39 -2.51
CA GLU A 292 11.90 -5.84 -3.88
C GLU A 292 10.59 -5.33 -4.47
N ARG A 293 9.50 -5.42 -3.70
CA ARG A 293 8.15 -4.96 -4.11
CA ARG A 293 8.23 -5.02 -4.27
C ARG A 293 8.17 -3.50 -4.52
N VAL A 294 8.75 -2.70 -3.65
CA VAL A 294 8.69 -1.25 -3.79
C VAL A 294 9.60 -0.75 -4.90
N ILE A 295 10.83 -1.25 -4.94
CA ILE A 295 11.72 -0.99 -6.04
C ILE A 295 11.01 -1.35 -7.33
N GLY A 296 10.41 -2.52 -7.41
CA GLY A 296 9.68 -2.90 -8.59
C GLY A 296 8.58 -1.93 -8.91
N HIS A 297 7.73 -1.67 -7.93
CA HIS A 297 6.57 -0.79 -8.05
C HIS A 297 6.98 0.55 -8.71
N GLU A 298 7.97 1.24 -8.17
CA GLU A 298 8.34 2.53 -8.72
C GLU A 298 8.94 2.37 -10.12
N TYR A 299 9.66 1.28 -10.36
CA TYR A 299 10.16 1.06 -11.72
C TYR A 299 9.01 0.87 -12.69
N PHE A 300 8.03 0.04 -12.34
CA PHE A 300 6.90 -0.24 -13.23
C PHE A 300 6.08 0.97 -13.54
N HIS A 301 6.09 1.96 -12.66
CA HIS A 301 5.44 3.24 -12.96
C HIS A 301 6.06 3.97 -14.16
N ASN A 302 7.26 3.59 -14.55
CA ASN A 302 7.88 4.28 -15.64
C ASN A 302 7.03 4.20 -16.90
N TRP A 303 6.32 3.09 -17.10
CA TRP A 303 5.31 3.03 -18.15
C TRP A 303 3.89 3.32 -17.64
N THR A 304 3.51 2.68 -16.54
CA THR A 304 2.13 2.81 -16.02
C THR A 304 2.11 3.91 -14.99
N GLY A 305 2.13 5.14 -15.51
CA GLY A 305 2.26 6.31 -14.68
C GLY A 305 3.01 7.46 -15.38
N ASN A 306 4.20 7.18 -15.90
CA ASN A 306 5.06 8.21 -16.48
C ASN A 306 4.82 8.32 -18.00
N ARG A 307 5.04 7.25 -18.77
CA ARG A 307 4.83 7.36 -20.20
C ARG A 307 3.37 7.55 -20.52
N VAL A 308 2.45 6.90 -19.76
CA VAL A 308 1.06 7.28 -19.74
C VAL A 308 0.73 7.71 -18.33
N THR A 309 0.21 8.94 -18.16
CA THR A 309 -0.05 9.52 -16.87
C THR A 309 -1.56 9.69 -16.69
N CYS A 310 -1.98 10.37 -15.63
CA CYS A 310 -3.39 10.56 -15.24
C CYS A 310 -3.93 11.92 -15.65
N ARG A 311 -5.07 11.92 -16.32
CA ARG A 311 -5.74 13.14 -16.74
C ARG A 311 -6.07 14.06 -15.56
N ASP A 312 -6.44 13.49 -14.42
CA ASP A 312 -6.80 14.28 -13.21
C ASP A 312 -6.64 13.32 -12.04
N TRP A 313 -6.63 13.83 -10.80
CA TRP A 313 -6.34 12.98 -9.65
C TRP A 313 -7.42 11.94 -9.26
N PHE A 314 -8.63 12.11 -9.77
CA PHE A 314 -9.65 11.15 -9.54
C PHE A 314 -9.30 9.87 -10.31
N GLN A 315 -8.44 9.96 -11.34
CA GLN A 315 -8.01 8.75 -12.07
C GLN A 315 -6.76 8.05 -11.44
N LEU A 316 -6.44 8.32 -10.18
CA LEU A 316 -5.26 7.79 -9.54
C LEU A 316 -5.10 6.26 -9.70
N SER A 317 -6.19 5.52 -9.61
CA SER A 317 -6.16 4.08 -9.77
C SER A 317 -5.69 3.63 -11.12
N LEU A 318 -5.86 4.46 -12.15
CA LEU A 318 -5.33 4.14 -13.49
C LEU A 318 -3.84 3.75 -13.37
N LYS A 319 -3.05 4.53 -12.64
CA LYS A 319 -1.69 4.18 -12.41
C LYS A 319 -1.44 3.32 -11.17
N GLU A 320 -2.16 3.55 -10.05
CA GLU A 320 -1.89 2.79 -8.87
C GLU A 320 -2.43 1.34 -8.91
N GLY A 321 -3.63 1.12 -9.38
CA GLY A 321 -4.20 -0.24 -9.39
C GLY A 321 -3.38 -1.09 -10.35
N LEU A 322 -3.02 -0.49 -11.48
CA LEU A 322 -2.29 -1.19 -12.50
C LEU A 322 -0.86 -1.48 -12.10
N THR A 323 -0.26 -0.50 -11.46
CA THR A 323 1.11 -0.64 -10.99
C THR A 323 1.22 -1.59 -9.78
N VAL A 324 0.25 -1.57 -8.88
CA VAL A 324 0.20 -2.58 -7.83
C VAL A 324 0.03 -4.02 -8.38
N PHE A 325 -0.90 -4.20 -9.32
CA PHE A 325 -1.06 -5.43 -10.01
C PHE A 325 0.30 -5.90 -10.59
N ARG A 326 1.03 -5.00 -11.22
CA ARG A 326 2.32 -5.29 -11.79
C ARG A 326 3.33 -5.65 -10.69
N ASP A 327 3.39 -4.91 -9.57
CA ASP A 327 4.33 -5.29 -8.48
C ASP A 327 3.95 -6.69 -7.86
N GLN A 328 2.64 -7.03 -7.81
CA GLN A 328 2.19 -8.31 -7.30
C GLN A 328 2.59 -9.45 -8.24
N GLU A 329 2.43 -9.21 -9.54
CA GLU A 329 2.81 -10.21 -10.54
C GLU A 329 4.33 -10.46 -10.55
N PHE A 330 5.10 -9.40 -10.33
CA PHE A 330 6.52 -9.44 -10.25
C PHE A 330 6.94 -10.28 -9.07
N SER A 331 6.44 -9.92 -7.89
CA SER A 331 6.72 -10.66 -6.67
C SER A 331 6.32 -12.13 -6.80
N SER A 332 5.16 -12.35 -7.37
CA SER A 332 4.62 -13.67 -7.55
C SER A 332 5.41 -14.52 -8.51
N ASP A 333 5.90 -13.95 -9.60
CA ASP A 333 6.65 -14.71 -10.60
C ASP A 333 8.04 -15.04 -10.00
N LEU A 334 8.71 -14.09 -9.37
CA LEU A 334 10.03 -14.36 -8.79
C LEU A 334 9.99 -15.22 -7.56
N GLY A 335 8.93 -15.12 -6.75
CA GLY A 335 8.90 -15.79 -5.47
C GLY A 335 7.83 -16.86 -5.48
N SER A 336 7.11 -16.92 -4.37
CA SER A 336 5.99 -17.87 -4.21
C SER A 336 4.68 -17.17 -4.63
N ARG A 337 4.10 -17.60 -5.73
CA ARG A 337 2.87 -17.01 -6.15
C ARG A 337 1.75 -17.18 -5.06
N ALA A 338 1.66 -18.38 -4.47
CA ALA A 338 0.63 -18.71 -3.47
C ALA A 338 0.76 -17.85 -2.24
N VAL A 339 1.98 -17.65 -1.78
CA VAL A 339 2.15 -16.86 -0.61
C VAL A 339 1.87 -15.37 -0.89
N ASN A 340 2.34 -14.89 -2.03
CA ASN A 340 1.91 -13.55 -2.47
C ASN A 340 0.40 -13.37 -2.49
N ARG A 341 -0.29 -14.31 -3.09
CA ARG A 341 -1.72 -14.17 -3.27
C ARG A 341 -2.44 -14.20 -1.90
N ILE A 342 -1.98 -15.08 -1.03
CA ILE A 342 -2.50 -15.19 0.32
C ILE A 342 -2.35 -13.88 1.06
N ASN A 343 -1.16 -13.34 1.13
CA ASN A 343 -0.99 -12.05 1.80
C ASN A 343 -1.73 -10.86 1.19
N ASN A 344 -1.90 -10.86 -0.12
CA ASN A 344 -2.68 -9.76 -0.71
C ASN A 344 -4.16 -9.88 -0.36
N VAL A 345 -4.60 -11.13 -0.21
CA VAL A 345 -5.95 -11.39 0.10
C VAL A 345 -6.20 -11.08 1.60
N ARG A 346 -5.23 -11.41 2.47
CA ARG A 346 -5.33 -10.99 3.86
C ARG A 346 -5.52 -9.49 4.00
N THR A 347 -4.74 -8.71 3.24
CA THR A 347 -4.87 -7.27 3.23
C THR A 347 -6.23 -6.84 2.71
N MET A 348 -6.70 -7.45 1.63
CA MET A 348 -8.02 -7.07 1.12
C MET A 348 -9.16 -7.31 2.14
N ARG A 349 -9.26 -8.54 2.66
CA ARG A 349 -10.33 -8.91 3.58
C ARG A 349 -10.21 -8.24 4.93
N GLY A 350 -9.00 -8.00 5.39
CA GLY A 350 -8.83 -7.48 6.70
C GLY A 350 -8.65 -6.00 6.88
N LEU A 351 -8.19 -5.29 5.86
CA LEU A 351 -7.96 -3.86 5.98
C LEU A 351 -8.80 -3.13 4.93
N GLN A 352 -8.82 -3.59 3.70
CA GLN A 352 -9.58 -2.89 2.67
C GLN A 352 -11.06 -2.94 2.89
N PHE A 353 -11.56 -4.10 3.27
CA PHE A 353 -12.99 -4.31 3.49
C PHE A 353 -13.47 -3.36 4.62
N ALA A 354 -12.66 -3.18 5.64
CA ALA A 354 -12.97 -2.25 6.74
C ALA A 354 -13.07 -0.79 6.26
N GLU A 355 -12.17 -0.37 5.38
CA GLU A 355 -12.24 0.97 4.81
C GLU A 355 -13.53 1.15 3.98
N ASP A 356 -13.88 0.12 3.21
CA ASP A 356 -15.04 0.18 2.33
C ASP A 356 -16.36 0.15 3.10
N ALA A 357 -16.29 -0.09 4.40
CA ALA A 357 -17.47 0.05 5.25
C ALA A 357 -17.39 1.33 6.11
N SER A 358 -16.32 2.13 5.99
CA SER A 358 -16.06 3.16 6.91
C SER A 358 -16.67 4.46 6.33
N PRO A 359 -16.70 5.50 7.13
CA PRO A 359 -17.08 6.81 6.60
C PRO A 359 -16.25 7.33 5.44
N MET A 360 -15.03 6.81 5.24
CA MET A 360 -14.16 7.25 4.16
C MET A 360 -14.35 6.41 2.92
N ALA A 361 -15.34 5.54 2.90
CA ALA A 361 -15.55 4.71 1.73
C ALA A 361 -15.59 5.49 0.45
N HIS A 362 -14.94 4.95 -0.58
CA HIS A 362 -14.99 5.57 -1.92
C HIS A 362 -14.80 4.53 -2.96
N PRO A 363 -15.27 4.77 -4.16
CA PRO A 363 -14.96 3.91 -5.31
C PRO A 363 -13.48 4.03 -5.68
N ILE A 364 -12.94 3.05 -6.39
CA ILE A 364 -11.54 3.07 -6.76
C ILE A 364 -11.22 4.31 -7.63
N ARG A 365 -12.24 4.79 -8.33
CA ARG A 365 -12.17 6.09 -8.98
C ARG A 365 -13.08 7.06 -8.23
N PRO A 366 -12.53 7.85 -7.31
CA PRO A 366 -13.42 8.69 -6.50
C PRO A 366 -14.20 9.76 -7.27
N ASP A 367 -15.30 10.20 -6.65
CA ASP A 367 -16.13 11.25 -7.17
C ASP A 367 -15.94 12.61 -6.51
N MET A 368 -15.45 12.64 -5.30
CA MET A 368 -15.33 13.83 -4.53
C MET A 368 -14.12 13.73 -3.61
N VAL A 369 -13.36 14.82 -3.54
CA VAL A 369 -12.11 14.84 -2.82
C VAL A 369 -11.91 16.22 -2.27
N ILE A 370 -11.64 16.29 -0.96
CA ILE A 370 -11.19 17.54 -0.36
C ILE A 370 -9.68 17.66 -0.35
N GLU A 371 -8.99 16.63 0.17
CA GLU A 371 -7.54 16.65 0.18
C GLU A 371 -7.03 15.39 -0.51
N MET A 372 -6.38 15.55 -1.66
CA MET A 372 -6.03 14.40 -2.48
C MET A 372 -5.04 13.46 -1.78
N ASN A 373 -4.26 13.95 -0.84
CA ASN A 373 -3.41 13.05 -0.10
C ASN A 373 -4.19 12.07 0.76
N ASN A 374 -5.45 12.33 1.00
CA ASN A 374 -6.27 11.34 1.71
C ASN A 374 -6.70 10.15 0.83
N PHE A 375 -6.42 10.17 -0.48
CA PHE A 375 -6.90 9.13 -1.36
C PHE A 375 -5.82 8.18 -1.90
N TYR A 376 -4.70 8.17 -1.22
CA TYR A 376 -3.67 7.17 -1.39
C TYR A 376 -4.00 6.00 -0.50
N THR A 377 -5.01 5.23 -0.92
CA THR A 377 -5.69 4.32 -0.02
C THR A 377 -5.62 2.87 -0.39
N LEU A 378 -5.92 2.03 0.60
CA LEU A 378 -6.12 0.61 0.38
C LEU A 378 -7.09 0.37 -0.76
N THR A 379 -8.13 1.20 -0.86
CA THR A 379 -9.10 1.05 -1.91
C THR A 379 -8.51 1.35 -3.26
N VAL A 380 -7.95 2.55 -3.42
CA VAL A 380 -7.35 2.92 -4.71
C VAL A 380 -6.24 1.96 -5.16
N TYR A 381 -5.40 1.54 -4.22
CA TYR A 381 -4.25 0.68 -4.50
C TYR A 381 -4.62 -0.85 -4.61
N GLU A 382 -5.15 -1.40 -3.54
CA GLU A 382 -5.30 -2.83 -3.41
C GLU A 382 -6.58 -3.30 -4.06
N LYS A 383 -7.67 -2.62 -3.79
CA LYS A 383 -8.86 -2.93 -4.54
C LYS A 383 -8.66 -2.59 -6.00
N GLY A 384 -8.00 -1.46 -6.32
CA GLY A 384 -7.67 -1.16 -7.72
C GLY A 384 -6.94 -2.29 -8.41
N ALA A 385 -5.99 -2.90 -7.72
CA ALA A 385 -5.28 -4.03 -8.32
C ALA A 385 -6.14 -5.27 -8.49
N GLU A 386 -7.08 -5.47 -7.57
CA GLU A 386 -8.02 -6.61 -7.72
C GLU A 386 -8.93 -6.37 -8.91
N VAL A 387 -9.25 -5.09 -9.21
CA VAL A 387 -10.09 -4.80 -10.39
C VAL A 387 -9.29 -5.12 -11.66
N ILE A 388 -8.04 -4.70 -11.75
CA ILE A 388 -7.18 -5.07 -12.89
C ILE A 388 -7.05 -6.62 -12.99
N ARG A 389 -6.82 -7.27 -11.85
CA ARG A 389 -6.72 -8.74 -11.82
C ARG A 389 -8.03 -9.40 -12.31
N MET A 390 -9.19 -8.83 -11.98
CA MET A 390 -10.45 -9.31 -12.59
C MET A 390 -10.47 -9.23 -14.13
N ILE A 391 -9.98 -8.10 -14.66
CA ILE A 391 -9.87 -7.96 -16.10
C ILE A 391 -8.94 -9.07 -16.65
N HIS A 392 -7.82 -9.28 -15.99
CA HIS A 392 -6.93 -10.34 -16.38
C HIS A 392 -7.64 -11.71 -16.33
N THR A 393 -8.46 -11.92 -15.31
CA THR A 393 -9.16 -13.19 -15.17
C THR A 393 -10.20 -13.36 -16.33
N LEU A 394 -10.86 -12.27 -16.71
CA LEU A 394 -11.85 -12.34 -17.75
C LEU A 394 -11.21 -12.53 -19.11
N LEU A 395 -10.04 -11.90 -19.34
CA LEU A 395 -9.45 -11.87 -20.68
C LEU A 395 -8.46 -12.98 -20.94
N GLY A 396 -7.72 -13.36 -19.90
CA GLY A 396 -6.61 -14.28 -20.04
C GLY A 396 -5.37 -13.46 -20.38
N GLU A 397 -4.20 -14.04 -20.12
CA GLU A 397 -2.93 -13.36 -20.27
C GLU A 397 -2.68 -12.73 -21.65
N GLU A 398 -2.96 -13.51 -22.68
CA GLU A 398 -2.65 -13.10 -24.03
C GLU A 398 -3.53 -11.90 -24.42
N ASN A 399 -4.83 -11.99 -24.19
CA ASN A 399 -5.70 -10.83 -24.44
C ASN A 399 -5.35 -9.65 -23.53
N PHE A 400 -4.98 -9.93 -22.28
CA PHE A 400 -4.61 -8.82 -21.36
C PHE A 400 -3.36 -8.06 -21.90
N GLN A 401 -2.35 -8.80 -22.35
CA GLN A 401 -1.14 -8.20 -22.95
C GLN A 401 -1.47 -7.46 -24.25
N LYS A 402 -2.41 -7.99 -25.06
CA LYS A 402 -2.90 -7.17 -26.21
C LYS A 402 -3.53 -5.85 -25.78
N GLY A 403 -4.29 -5.88 -24.72
CA GLY A 403 -4.84 -4.68 -24.19
C GLY A 403 -3.82 -3.68 -23.67
N MET A 404 -2.77 -4.17 -22.97
CA MET A 404 -1.72 -3.30 -22.48
C MET A 404 -1.05 -2.60 -23.68
N GLN A 405 -0.85 -3.35 -24.75
CA GLN A 405 -0.14 -2.85 -25.94
C GLN A 405 -1.02 -1.82 -26.65
N LEU A 406 -2.32 -2.05 -26.71
CA LEU A 406 -3.18 -1.03 -27.32
C LEU A 406 -3.28 0.22 -26.46
N TYR A 407 -3.28 0.03 -25.14
CA TYR A 407 -3.27 1.19 -24.21
C TYR A 407 -2.06 2.12 -24.44
N PHE A 408 -0.89 1.53 -24.48
CA PHE A 408 0.31 2.32 -24.71
C PHE A 408 0.34 2.89 -26.13
N GLU A 409 -0.10 2.12 -27.11
CA GLU A 409 -0.05 2.59 -28.47
C GLU A 409 -1.00 3.82 -28.63
N ARG A 410 -2.16 3.77 -28.01
CA ARG A 410 -3.04 4.94 -28.02
C ARG A 410 -2.59 6.07 -27.16
N HIS A 411 -2.09 5.78 -25.96
CA HIS A 411 -1.97 6.83 -24.97
C HIS A 411 -0.54 7.23 -24.54
N ASP A 412 0.47 6.58 -25.12
CA ASP A 412 1.83 6.98 -24.87
C ASP A 412 2.01 8.49 -25.07
N GLY A 413 2.61 9.17 -24.12
CA GLY A 413 2.85 10.58 -24.27
C GLY A 413 1.73 11.44 -23.82
N SER A 414 0.71 10.89 -23.19
CA SER A 414 -0.45 11.69 -22.80
C SER A 414 -1.00 11.31 -21.41
N ALA A 415 -1.96 12.06 -20.95
CA ALA A 415 -2.67 11.79 -19.70
C ALA A 415 -3.98 11.11 -20.06
N ALA A 416 -4.31 10.02 -19.38
CA ALA A 416 -5.47 9.18 -19.71
C ALA A 416 -6.40 9.00 -18.52
N THR A 417 -7.52 8.35 -18.76
CA THR A 417 -8.48 8.08 -17.71
C THR A 417 -8.62 6.58 -17.49
N CYS A 418 -9.20 6.22 -16.36
CA CYS A 418 -9.57 4.81 -16.13
C CYS A 418 -10.38 4.27 -17.29
N ASP A 419 -11.36 5.05 -17.76
CA ASP A 419 -12.21 4.62 -18.83
C ASP A 419 -11.40 4.35 -20.11
N ASP A 420 -10.34 5.13 -20.42
CA ASP A 420 -9.52 4.87 -21.61
C ASP A 420 -8.84 3.53 -21.48
N PHE A 421 -8.44 3.15 -20.26
CA PHE A 421 -7.75 1.87 -20.06
C PHE A 421 -8.69 0.69 -20.29
N VAL A 422 -9.86 0.77 -19.70
CA VAL A 422 -10.82 -0.30 -19.83
C VAL A 422 -11.20 -0.41 -21.32
N GLN A 423 -11.32 0.74 -22.01
CA GLN A 423 -11.65 0.68 -23.40
C GLN A 423 -10.60 0.01 -24.26
N ALA A 424 -9.32 0.22 -23.94
CA ALA A 424 -8.27 -0.45 -24.69
C ALA A 424 -8.35 -1.97 -24.49
N MET A 425 -8.59 -2.39 -23.25
CA MET A 425 -8.74 -3.81 -22.94
C MET A 425 -9.91 -4.45 -23.72
N GLU A 426 -11.03 -3.76 -23.77
CA GLU A 426 -12.20 -4.20 -24.50
C GLU A 426 -11.96 -4.28 -25.99
N ASP A 427 -11.42 -3.22 -26.58
CA ASP A 427 -11.21 -3.17 -28.00
C ASP A 427 -10.16 -4.21 -28.40
N ALA A 428 -9.13 -4.42 -27.60
CA ALA A 428 -8.10 -5.37 -28.02
C ALA A 428 -8.55 -6.83 -27.85
N SER A 429 -9.39 -7.13 -26.86
CA SER A 429 -9.78 -8.49 -26.55
C SER A 429 -11.10 -8.92 -27.17
N ASN A 430 -11.92 -7.99 -27.61
CA ASN A 430 -13.30 -8.21 -27.91
C ASN A 430 -14.12 -8.83 -26.75
N VAL A 431 -13.70 -8.64 -25.50
CA VAL A 431 -14.54 -8.93 -24.34
C VAL A 431 -15.31 -7.66 -23.94
N ASP A 432 -16.62 -7.77 -23.76
CA ASP A 432 -17.45 -6.61 -23.45
C ASP A 432 -17.24 -6.28 -21.98
N LEU A 433 -16.78 -5.08 -21.71
CA LEU A 433 -16.54 -4.64 -20.31
C LEU A 433 -17.42 -3.48 -19.91
N SER A 434 -18.54 -3.28 -20.61
CA SER A 434 -19.45 -2.17 -20.27
C SER A 434 -20.00 -2.29 -18.85
N HIS A 435 -20.54 -3.44 -18.53
CA HIS A 435 -21.03 -3.67 -17.18
C HIS A 435 -19.87 -3.61 -16.17
N PHE A 436 -18.78 -4.26 -16.53
CA PHE A 436 -17.57 -4.27 -15.69
C PHE A 436 -17.13 -2.90 -15.17
N ARG A 437 -17.27 -1.87 -16.00
CA ARG A 437 -16.91 -0.52 -15.60
CA ARG A 437 -16.93 -0.50 -15.62
C ARG A 437 -17.58 -0.04 -14.32
N ARG A 438 -18.74 -0.63 -13.95
CA ARG A 438 -19.33 -0.28 -12.66
C ARG A 438 -18.40 -0.52 -11.49
N TRP A 439 -17.41 -1.39 -11.62
CA TRP A 439 -16.44 -1.52 -10.51
C TRP A 439 -15.63 -0.26 -10.18
N TYR A 440 -15.54 0.64 -11.14
CA TYR A 440 -14.83 1.91 -10.97
C TYR A 440 -15.64 2.95 -10.26
N SER A 441 -16.97 2.90 -10.34
CA SER A 441 -17.85 3.96 -9.86
C SER A 441 -18.64 3.63 -8.64
N GLN A 442 -18.65 2.35 -8.23
CA GLN A 442 -19.40 1.92 -7.08
C GLN A 442 -18.47 1.52 -5.95
N SER A 443 -18.76 2.05 -4.75
CA SER A 443 -18.01 1.76 -3.56
C SER A 443 -18.67 0.58 -2.80
N GLY A 444 -17.97 0.11 -1.77
CA GLY A 444 -18.46 -0.93 -0.92
C GLY A 444 -18.11 -2.32 -1.43
N THR A 445 -18.20 -3.28 -0.52
CA THR A 445 -17.89 -4.64 -0.79
C THR A 445 -19.16 -5.42 -1.16
N PRO A 446 -19.21 -5.98 -2.37
CA PRO A 446 -20.36 -6.88 -2.63
C PRO A 446 -20.35 -8.16 -1.77
N ILE A 447 -21.54 -8.63 -1.45
CA ILE A 447 -21.81 -9.89 -0.71
C ILE A 447 -22.43 -10.85 -1.71
N VAL A 448 -21.75 -11.98 -1.93
CA VAL A 448 -22.19 -12.98 -2.86
C VAL A 448 -22.66 -14.16 -2.05
N THR A 449 -23.91 -14.57 -2.26
CA THR A 449 -24.49 -15.69 -1.52
C THR A 449 -24.66 -16.84 -2.45
N VAL A 450 -24.23 -18.02 -2.03
CA VAL A 450 -24.32 -19.17 -2.86
C VAL A 450 -25.07 -20.30 -2.15
N LYS A 451 -26.05 -20.87 -2.82
CA LYS A 451 -26.75 -22.07 -2.39
C LYS A 451 -26.51 -23.12 -3.45
N ASP A 452 -26.47 -24.37 -3.03
CA ASP A 452 -26.19 -25.50 -3.94
C ASP A 452 -27.08 -26.70 -3.71
N ASP A 453 -27.26 -27.44 -4.77
CA ASP A 453 -28.15 -28.58 -4.82
C ASP A 453 -27.48 -29.63 -5.71
N TYR A 454 -27.46 -30.89 -5.26
CA TYR A 454 -27.03 -32.01 -6.05
C TYR A 454 -28.19 -32.92 -6.32
N ASN A 455 -28.43 -33.21 -7.60
CA ASN A 455 -29.52 -34.09 -8.03
C ASN A 455 -28.90 -35.41 -8.55
N PRO A 456 -28.98 -36.48 -7.71
CA PRO A 456 -28.37 -37.77 -8.08
C PRO A 456 -29.11 -38.45 -9.24
N GLU A 457 -30.40 -38.21 -9.39
CA GLU A 457 -31.13 -38.73 -10.54
C GLU A 457 -30.54 -38.23 -11.85
N THR A 458 -30.29 -36.93 -11.97
CA THR A 458 -29.76 -36.35 -13.23
C THR A 458 -28.28 -36.08 -13.25
N GLU A 459 -27.58 -36.31 -12.14
CA GLU A 459 -26.19 -35.90 -11.96
C GLU A 459 -25.92 -34.41 -12.37
N GLN A 460 -26.74 -33.54 -11.82
CA GLN A 460 -26.59 -32.14 -11.96
C GLN A 460 -26.31 -31.46 -10.66
N TYR A 461 -25.46 -30.45 -10.72
CA TYR A 461 -25.11 -29.61 -9.56
C TYR A 461 -25.56 -28.25 -9.92
N THR A 462 -26.44 -27.71 -9.10
CA THR A 462 -27.02 -26.42 -9.35
C THR A 462 -26.51 -25.43 -8.32
N LEU A 463 -25.90 -24.32 -8.77
CA LEU A 463 -25.55 -23.19 -7.91
C LEU A 463 -26.47 -22.07 -8.09
N THR A 464 -27.07 -21.58 -7.01
CA THR A 464 -27.87 -20.36 -7.06
C THR A 464 -27.07 -19.30 -6.38
N ILE A 465 -26.69 -18.28 -7.13
CA ILE A 465 -25.78 -17.24 -6.67
C ILE A 465 -26.50 -15.89 -6.75
N SER A 466 -26.44 -15.15 -5.65
CA SER A 466 -27.06 -13.85 -5.61
C SER A 466 -26.02 -12.90 -5.10
N GLN A 467 -26.17 -11.63 -5.45
CA GLN A 467 -25.27 -10.58 -5.01
C GLN A 467 -26.04 -9.40 -4.57
N ARG A 468 -25.45 -8.65 -3.65
CA ARG A 468 -25.86 -7.29 -3.39
C ARG A 468 -24.73 -6.55 -2.72
N THR A 469 -24.77 -5.24 -2.87
CA THR A 469 -23.90 -4.39 -2.15
C THR A 469 -24.73 -3.48 -1.22
N PRO A 470 -24.44 -3.47 0.07
CA PRO A 470 -25.12 -2.54 0.99
C PRO A 470 -24.72 -1.09 0.75
N ALA A 471 -25.62 -0.19 1.13
CA ALA A 471 -25.37 1.23 0.93
C ALA A 471 -24.15 1.55 1.75
N THR A 472 -23.37 2.52 1.28
CA THR A 472 -22.19 2.98 2.03
C THR A 472 -22.37 4.41 2.46
N PRO A 473 -21.50 4.91 3.32
CA PRO A 473 -21.68 6.28 3.70
C PRO A 473 -21.63 7.25 2.53
N ASP A 474 -21.00 6.92 1.39
CA ASP A 474 -20.89 7.89 0.27
C ASP A 474 -21.95 7.68 -0.84
N GLN A 475 -22.62 6.52 -0.85
CA GLN A 475 -23.54 6.17 -1.92
C GLN A 475 -24.76 5.37 -1.42
N ALA A 476 -25.94 5.93 -1.65
CA ALA A 476 -27.24 5.35 -1.23
C ALA A 476 -27.75 4.33 -2.25
N GLU A 477 -27.17 4.31 -3.44
CA GLU A 477 -27.68 3.54 -4.56
C GLU A 477 -26.58 2.58 -5.01
N LYS A 478 -26.90 1.30 -5.10
CA LYS A 478 -25.99 0.29 -5.56
C LYS A 478 -26.71 -0.57 -6.59
N GLN A 479 -25.96 -1.17 -7.50
CA GLN A 479 -26.46 -2.12 -8.48
C GLN A 479 -25.50 -3.29 -8.62
N PRO A 480 -25.96 -4.36 -9.24
CA PRO A 480 -25.12 -5.52 -9.41
C PRO A 480 -23.88 -5.26 -10.30
N LEU A 481 -22.79 -5.94 -9.99
CA LEU A 481 -21.54 -5.90 -10.70
C LEU A 481 -21.34 -7.13 -11.57
N HIS A 482 -20.40 -7.04 -12.50
CA HIS A 482 -19.96 -8.17 -13.27
C HIS A 482 -18.87 -8.88 -12.46
N ILE A 483 -19.25 -9.97 -11.78
CA ILE A 483 -18.41 -10.59 -10.80
C ILE A 483 -17.85 -11.88 -11.45
N PRO A 484 -16.55 -11.92 -11.74
CA PRO A 484 -16.00 -13.20 -12.17
C PRO A 484 -15.83 -14.16 -11.00
N PHE A 485 -16.55 -15.27 -11.07
CA PHE A 485 -16.70 -16.20 -9.92
C PHE A 485 -16.12 -17.55 -10.28
N ALA A 486 -14.88 -17.80 -9.91
CA ALA A 486 -14.15 -19.00 -10.32
C ALA A 486 -14.51 -20.16 -9.36
N ILE A 487 -14.71 -21.36 -9.90
CA ILE A 487 -15.04 -22.54 -9.11
C ILE A 487 -14.23 -23.71 -9.60
N GLU A 488 -14.14 -24.71 -8.74
CA GLU A 488 -13.65 -26.05 -9.06
C GLU A 488 -14.45 -27.04 -8.24
N LEU A 489 -14.87 -28.16 -8.82
CA LEU A 489 -15.64 -29.15 -8.12
C LEU A 489 -14.81 -30.39 -7.89
N TYR A 490 -14.78 -30.90 -6.66
CA TYR A 490 -13.94 -32.06 -6.33
C TYR A 490 -14.80 -33.27 -6.02
N ASP A 491 -14.35 -34.44 -6.50
CA ASP A 491 -15.01 -35.72 -6.21
C ASP A 491 -14.45 -36.32 -4.93
N ASN A 492 -15.00 -37.47 -4.57
CA ASN A 492 -14.61 -38.16 -3.35
C ASN A 492 -13.17 -38.61 -3.29
N GLU A 493 -12.47 -38.76 -4.40
CA GLU A 493 -11.06 -39.06 -4.37
C GLU A 493 -10.16 -37.82 -4.40
N GLY A 494 -10.74 -36.63 -4.44
CA GLY A 494 -9.99 -35.39 -4.53
C GLY A 494 -9.61 -34.98 -5.93
N LYS A 495 -10.27 -35.52 -6.95
CA LYS A 495 -9.96 -35.19 -8.34
C LYS A 495 -10.99 -34.19 -8.77
N VAL A 496 -10.60 -33.35 -9.73
CA VAL A 496 -11.47 -32.35 -10.27
C VAL A 496 -12.49 -32.98 -11.19
N ILE A 497 -13.76 -32.62 -10.98
CA ILE A 497 -14.86 -33.01 -11.86
C ILE A 497 -14.93 -32.00 -13.00
N PRO A 498 -14.88 -32.50 -14.25
CA PRO A 498 -14.88 -31.53 -15.35
C PRO A 498 -16.19 -30.82 -15.39
N LEU A 499 -16.15 -29.55 -15.71
CA LEU A 499 -17.37 -28.75 -15.72
C LEU A 499 -17.95 -28.78 -17.09
N GLN A 500 -19.26 -28.95 -17.20
CA GLN A 500 -19.91 -29.22 -18.47
C GLN A 500 -21.32 -28.84 -18.36
N LYS A 501 -21.94 -28.66 -19.51
CA LYS A 501 -23.33 -28.31 -19.58
C LYS A 501 -23.81 -28.70 -20.97
N GLY A 502 -24.83 -29.56 -21.06
CA GLY A 502 -25.31 -30.10 -22.34
C GLY A 502 -24.21 -30.84 -23.11
N GLY A 503 -23.27 -31.48 -22.41
CA GLY A 503 -22.12 -32.14 -23.07
C GLY A 503 -21.15 -31.24 -23.83
N HIS A 504 -20.98 -30.01 -23.34
CA HIS A 504 -19.97 -29.09 -23.83
C HIS A 504 -19.21 -28.54 -22.61
N PRO A 505 -17.86 -28.59 -22.62
CA PRO A 505 -17.05 -27.81 -21.69
C PRO A 505 -17.53 -26.41 -21.44
N VAL A 506 -17.45 -26.05 -20.17
CA VAL A 506 -17.83 -24.77 -19.64
C VAL A 506 -16.59 -24.22 -18.94
N ASN A 507 -16.47 -22.91 -19.03
CA ASN A 507 -15.33 -22.25 -18.48
C ASN A 507 -15.49 -22.24 -16.92
N SER A 508 -14.39 -22.35 -16.21
CA SER A 508 -14.48 -22.39 -14.77
C SER A 508 -14.70 -21.00 -14.07
N VAL A 509 -14.70 -19.91 -14.84
CA VAL A 509 -14.98 -18.59 -14.35
C VAL A 509 -16.43 -18.30 -14.70
N LEU A 510 -17.33 -18.32 -13.71
CA LEU A 510 -18.72 -17.93 -13.95
C LEU A 510 -18.92 -16.41 -14.01
N ASN A 511 -19.75 -15.95 -14.94
CA ASN A 511 -20.06 -14.55 -15.04
C ASN A 511 -21.29 -14.22 -14.22
N VAL A 512 -21.09 -13.76 -13.01
CA VAL A 512 -22.18 -13.49 -12.10
C VAL A 512 -22.50 -12.04 -12.31
N THR A 513 -23.50 -11.78 -13.16
CA THR A 513 -23.84 -10.42 -13.60
C THR A 513 -25.18 -9.92 -13.11
N GLN A 514 -25.94 -10.76 -12.39
CA GLN A 514 -27.29 -10.40 -11.98
C GLN A 514 -27.40 -10.40 -10.50
N ALA A 515 -28.53 -9.87 -9.97
CA ALA A 515 -28.81 -9.92 -8.57
C ALA A 515 -28.98 -11.36 -8.14
N GLU A 516 -29.47 -12.17 -9.04
CA GLU A 516 -29.66 -13.58 -8.79
C GLU A 516 -29.67 -14.35 -10.08
N GLN A 517 -29.02 -15.50 -10.07
CA GLN A 517 -29.00 -16.37 -11.21
C GLN A 517 -28.71 -17.78 -10.77
N THR A 518 -28.93 -18.73 -11.67
N THR A 518 -29.04 -18.71 -11.67
CA THR A 518 -28.71 -20.13 -11.39
CA THR A 518 -28.75 -20.14 -11.54
C THR A 518 -27.76 -20.73 -12.46
C THR A 518 -27.57 -20.52 -12.44
N PHE A 519 -26.80 -21.54 -12.04
CA PHE A 519 -25.92 -22.26 -12.98
C PHE A 519 -26.11 -23.74 -12.71
N VAL A 520 -26.27 -24.52 -13.77
CA VAL A 520 -26.51 -25.97 -13.68
C VAL A 520 -25.42 -26.66 -14.45
N PHE A 521 -24.67 -27.49 -13.77
CA PHE A 521 -23.62 -28.30 -14.35
C PHE A 521 -24.12 -29.75 -14.49
N ASP A 522 -23.76 -30.44 -15.59
CA ASP A 522 -24.15 -31.82 -15.95
CA ASP A 522 -24.17 -31.83 -15.73
C ASP A 522 -22.98 -32.77 -15.76
N ASN A 523 -23.27 -34.07 -15.78
CA ASN A 523 -22.26 -35.08 -15.67
C ASN A 523 -21.42 -34.88 -14.44
N VAL A 524 -22.10 -34.47 -13.35
CA VAL A 524 -21.43 -34.35 -12.05
C VAL A 524 -21.67 -35.73 -11.35
N TYR A 525 -20.71 -36.60 -11.52
CA TYR A 525 -20.87 -38.04 -11.28
C TYR A 525 -20.81 -38.40 -9.80
N PHE A 526 -20.39 -37.46 -8.97
CA PHE A 526 -20.39 -37.60 -7.53
C PHE A 526 -20.73 -36.25 -6.88
N GLN A 527 -21.33 -36.30 -5.69
CA GLN A 527 -21.73 -35.09 -5.00
C GLN A 527 -20.45 -34.29 -4.70
N PRO A 528 -20.33 -33.07 -5.20
CA PRO A 528 -18.99 -32.44 -5.19
C PRO A 528 -18.74 -31.69 -3.90
N VAL A 529 -17.48 -31.53 -3.53
CA VAL A 529 -17.07 -30.48 -2.60
C VAL A 529 -16.56 -29.33 -3.47
N PRO A 530 -17.16 -28.13 -3.35
CA PRO A 530 -16.74 -27.04 -4.22
C PRO A 530 -15.67 -26.18 -3.61
N ALA A 531 -14.73 -25.73 -4.43
CA ALA A 531 -13.88 -24.57 -4.09
C ALA A 531 -14.52 -23.39 -4.80
N LEU A 532 -14.95 -22.41 -4.01
CA LEU A 532 -15.74 -21.30 -4.41
C LEU A 532 -14.92 -20.02 -4.35
N LEU A 533 -15.17 -19.12 -5.30
CA LEU A 533 -14.34 -17.90 -5.40
C LEU A 533 -12.83 -18.19 -5.43
N CYS A 534 -12.42 -19.15 -6.26
CA CYS A 534 -11.01 -19.56 -6.27
C CYS A 534 -10.08 -18.42 -6.56
N GLU A 535 -8.98 -18.43 -5.82
CA GLU A 535 -7.95 -17.44 -5.85
C GLU A 535 -8.46 -16.06 -5.60
N PHE A 536 -9.57 -15.98 -4.82
CA PHE A 536 -10.25 -14.73 -4.54
C PHE A 536 -10.50 -14.03 -5.85
N SER A 537 -11.32 -14.65 -6.70
CA SER A 537 -11.46 -14.21 -8.09
C SER A 537 -12.21 -12.91 -8.20
N ALA A 538 -12.87 -12.48 -7.13
CA ALA A 538 -13.36 -11.13 -7.11
C ALA A 538 -13.36 -10.62 -5.68
N PRO A 539 -13.30 -9.29 -5.49
CA PRO A 539 -13.11 -8.73 -4.16
C PRO A 539 -14.46 -8.62 -3.47
N VAL A 540 -14.94 -9.78 -3.02
CA VAL A 540 -16.29 -9.89 -2.48
C VAL A 540 -16.29 -10.69 -1.20
N LYS A 541 -17.31 -10.52 -0.40
CA LYS A 541 -17.55 -11.42 0.71
C LYS A 541 -18.40 -12.58 0.20
N LEU A 542 -18.05 -13.79 0.57
CA LEU A 542 -18.77 -14.98 0.18
C LEU A 542 -19.62 -15.44 1.30
N GLU A 543 -20.90 -15.69 1.07
CA GLU A 543 -21.72 -16.40 2.07
C GLU A 543 -22.12 -17.74 1.55
N TYR A 544 -21.59 -18.75 2.17
CA TYR A 544 -21.90 -20.13 1.79
C TYR A 544 -21.84 -20.92 3.04
N LYS A 545 -22.73 -21.87 3.16
CA LYS A 545 -22.78 -22.68 4.35
C LYS A 545 -21.85 -23.87 4.20
N TRP A 546 -20.61 -23.69 4.61
CA TRP A 546 -19.61 -24.74 4.59
C TRP A 546 -19.81 -25.68 5.79
N SER A 547 -19.67 -27.00 5.62
CA SER A 547 -19.48 -27.89 6.78
C SER A 547 -18.00 -27.94 7.14
N ASP A 548 -17.70 -28.31 8.35
CA ASP A 548 -16.33 -28.42 8.76
C ASP A 548 -15.60 -29.48 7.89
N GLN A 549 -16.30 -30.55 7.51
CA GLN A 549 -15.65 -31.61 6.74
C GLN A 549 -15.39 -31.21 5.29
N GLN A 550 -16.22 -30.37 4.72
CA GLN A 550 -15.92 -29.83 3.41
C GLN A 550 -14.61 -29.05 3.47
N LEU A 551 -14.45 -28.29 4.54
CA LEU A 551 -13.27 -27.45 4.69
C LEU A 551 -12.02 -28.26 4.93
N THR A 552 -12.10 -29.25 5.79
CA THR A 552 -10.91 -30.05 6.07
C THR A 552 -10.57 -30.88 4.87
N PHE A 553 -11.58 -31.33 4.12
CA PHE A 553 -11.35 -32.02 2.88
C PHE A 553 -10.57 -31.10 1.85
N LEU A 554 -11.04 -29.85 1.69
CA LEU A 554 -10.31 -28.92 0.82
C LEU A 554 -8.87 -28.69 1.32
N MET A 555 -8.66 -28.62 2.62
CA MET A 555 -7.31 -28.42 3.14
C MET A 555 -6.36 -29.53 2.71
N ARG A 556 -6.87 -30.78 2.54
CA ARG A 556 -6.11 -31.96 2.17
C ARG A 556 -6.04 -32.12 0.66
N HIS A 557 -7.08 -31.78 -0.09
CA HIS A 557 -7.15 -32.16 -1.49
C HIS A 557 -7.18 -31.05 -2.47
N ALA A 558 -7.42 -29.80 -2.09
CA ALA A 558 -7.62 -28.82 -3.15
C ALA A 558 -6.33 -28.73 -3.97
N ARG A 559 -6.50 -28.42 -5.25
CA ARG A 559 -5.45 -28.44 -6.24
C ARG A 559 -4.59 -27.20 -6.12
N ASN A 560 -5.20 -26.01 -5.94
CA ASN A 560 -4.36 -24.90 -5.72
C ASN A 560 -4.16 -24.57 -4.25
N ASP A 561 -2.94 -24.19 -3.98
CA ASP A 561 -2.46 -23.91 -2.67
C ASP A 561 -3.29 -22.87 -1.96
N PHE A 562 -3.72 -21.85 -2.70
CA PHE A 562 -4.44 -20.76 -2.13
C PHE A 562 -5.74 -21.31 -1.52
N SER A 563 -6.43 -22.20 -2.20
CA SER A 563 -7.74 -22.69 -1.73
C SER A 563 -7.60 -23.58 -0.50
N ARG A 564 -6.47 -24.21 -0.37
CA ARG A 564 -6.17 -24.95 0.87
C ARG A 564 -6.10 -24.00 2.07
N TRP A 565 -5.38 -22.89 1.89
CA TRP A 565 -5.27 -21.83 2.89
C TRP A 565 -6.64 -21.20 3.12
N ASP A 566 -7.40 -20.95 2.04
CA ASP A 566 -8.66 -20.26 2.14
C ASP A 566 -9.68 -21.11 2.94
N ALA A 567 -9.71 -22.39 2.68
CA ALA A 567 -10.50 -23.31 3.48
C ALA A 567 -10.10 -23.33 4.97
N ALA A 568 -8.81 -23.35 5.26
CA ALA A 568 -8.37 -23.20 6.65
C ALA A 568 -8.87 -21.96 7.35
N GLN A 569 -8.93 -20.87 6.60
CA GLN A 569 -9.43 -19.65 7.13
C GLN A 569 -10.93 -19.71 7.42
N SER A 570 -11.69 -20.28 6.51
CA SER A 570 -13.08 -20.44 6.74
C SER A 570 -13.33 -21.41 7.95
N LEU A 571 -12.48 -22.40 8.14
CA LEU A 571 -12.62 -23.30 9.29
C LEU A 571 -12.38 -22.55 10.63
N LEU A 572 -11.31 -21.75 10.68
CA LEU A 572 -11.03 -20.96 11.87
C LEU A 572 -12.07 -19.88 12.17
N ALA A 573 -12.64 -19.29 11.12
CA ALA A 573 -13.52 -18.16 11.28
C ALA A 573 -14.70 -18.55 12.18
N THR A 574 -15.31 -19.68 11.88
CA THR A 574 -16.38 -20.25 12.74
C THR A 574 -16.02 -20.31 14.21
N TYR A 575 -14.79 -20.69 14.50
CA TYR A 575 -14.41 -20.89 15.87
C TYR A 575 -13.91 -19.60 16.51
N ILE A 576 -13.51 -18.66 15.68
CA ILE A 576 -13.15 -17.35 16.14
C ILE A 576 -14.42 -16.63 16.60
N LYS A 577 -15.47 -16.71 15.81
CA LYS A 577 -16.72 -16.13 16.19
C LYS A 577 -17.31 -16.79 17.46
N LEU A 578 -17.32 -18.12 17.49
CA LEU A 578 -17.77 -18.83 18.70
C LEU A 578 -17.06 -18.30 19.91
N ASN A 579 -15.76 -18.27 19.85
CA ASN A 579 -14.98 -17.91 21.02
C ASN A 579 -14.97 -16.44 21.40
N VAL A 580 -15.19 -15.54 20.44
CA VAL A 580 -15.45 -14.14 20.84
C VAL A 580 -16.76 -14.05 21.66
N ALA A 581 -17.79 -14.74 21.22
CA ALA A 581 -19.02 -14.80 22.00
C ALA A 581 -18.79 -15.40 23.42
N ARG A 582 -17.97 -16.43 23.50
CA ARG A 582 -17.63 -17.04 24.77
C ARG A 582 -16.87 -16.09 25.66
N HIS A 583 -15.95 -15.31 25.07
CA HIS A 583 -15.18 -14.36 25.83
C HIS A 583 -16.09 -13.35 26.52
N GLN A 584 -17.12 -12.91 25.84
CA GLN A 584 -18.02 -11.91 26.41
C GLN A 584 -18.83 -12.48 27.57
N GLN A 585 -18.96 -13.81 27.67
CA GLN A 585 -19.63 -14.46 28.78
C GLN A 585 -18.66 -14.94 29.83
N GLY A 586 -17.37 -14.63 29.72
CA GLY A 586 -16.39 -15.12 30.65
C GLY A 586 -16.06 -16.62 30.56
N GLN A 587 -16.25 -17.25 29.41
CA GLN A 587 -16.05 -18.66 29.30
C GLN A 587 -14.67 -18.93 28.73
N PRO A 588 -14.17 -20.16 28.92
CA PRO A 588 -12.94 -20.62 28.32
C PRO A 588 -13.08 -20.90 26.83
N LEU A 589 -11.93 -20.96 26.18
CA LEU A 589 -11.87 -21.27 24.78
C LEU A 589 -12.47 -22.66 24.52
N SER A 590 -13.33 -22.81 23.51
CA SER A 590 -13.81 -24.14 23.10
C SER A 590 -13.41 -24.40 21.65
N LEU A 591 -12.82 -25.55 21.39
CA LEU A 591 -12.39 -25.95 20.02
C LEU A 591 -12.58 -27.42 19.83
N PRO A 592 -13.24 -27.86 18.74
CA PRO A 592 -13.35 -29.31 18.57
C PRO A 592 -12.04 -29.95 18.20
N VAL A 593 -11.87 -31.16 18.66
CA VAL A 593 -10.68 -31.95 18.43
C VAL A 593 -10.39 -32.05 16.95
N HIS A 594 -11.43 -32.25 16.12
CA HIS A 594 -11.19 -32.40 14.70
C HIS A 594 -10.57 -31.15 14.05
N VAL A 595 -10.80 -29.98 14.64
CA VAL A 595 -10.22 -28.74 14.09
C VAL A 595 -8.72 -28.75 14.42
N ALA A 596 -8.35 -29.06 15.65
CA ALA A 596 -6.94 -29.19 16.00
C ALA A 596 -6.21 -30.22 15.13
N ASP A 597 -6.84 -31.36 14.92
CA ASP A 597 -6.37 -32.37 14.01
C ASP A 597 -6.10 -31.95 12.61
N ALA A 598 -6.92 -31.07 12.07
CA ALA A 598 -6.68 -30.56 10.71
C ALA A 598 -5.38 -29.79 10.65
N PHE A 599 -5.09 -29.00 11.66
CA PHE A 599 -3.84 -28.26 11.74
C PHE A 599 -2.66 -29.16 12.03
N ARG A 600 -2.87 -30.18 12.86
CA ARG A 600 -1.88 -31.25 13.03
C ARG A 600 -1.50 -31.88 11.71
N ALA A 601 -2.51 -32.22 10.88
CA ALA A 601 -2.20 -32.81 9.61
C ALA A 601 -1.31 -31.93 8.73
N VAL A 602 -1.49 -30.61 8.80
CA VAL A 602 -0.71 -29.73 7.98
C VAL A 602 0.72 -29.72 8.47
N LEU A 603 0.91 -29.67 9.78
CA LEU A 603 2.23 -29.70 10.36
C LEU A 603 3.02 -30.95 10.02
N LEU A 604 2.35 -32.10 9.93
CA LEU A 604 3.00 -33.33 9.67
C LEU A 604 2.95 -33.71 8.21
N ASP A 605 2.38 -32.90 7.31
CA ASP A 605 2.31 -33.31 5.90
C ASP A 605 3.68 -33.05 5.28
N GLU A 606 4.27 -34.11 4.75
CA GLU A 606 5.66 -34.11 4.29
C GLU A 606 5.74 -33.49 2.87
N LYS A 607 4.68 -33.66 2.07
CA LYS A 607 4.58 -33.09 0.72
C LYS A 607 4.20 -31.59 0.61
N ILE A 608 3.58 -31.00 1.63
CA ILE A 608 3.17 -29.63 1.51
C ILE A 608 4.35 -28.66 1.45
N ASP A 609 4.23 -27.69 0.60
CA ASP A 609 5.23 -26.61 0.54
C ASP A 609 5.33 -25.91 1.88
N PRO A 610 6.52 -25.82 2.44
CA PRO A 610 6.62 -25.14 3.73
C PRO A 610 6.10 -23.69 3.76
N ALA A 611 6.16 -22.95 2.64
CA ALA A 611 5.62 -21.57 2.59
C ALA A 611 4.10 -21.55 2.81
N LEU A 612 3.42 -22.55 2.26
CA LEU A 612 1.99 -22.72 2.43
C LEU A 612 1.65 -23.17 3.83
N ALA A 613 2.35 -24.19 4.31
CA ALA A 613 2.17 -24.58 5.71
C ALA A 613 2.31 -23.44 6.62
N ALA A 614 3.32 -22.61 6.38
CA ALA A 614 3.54 -21.53 7.32
C ALA A 614 2.34 -20.52 7.37
N GLU A 615 1.72 -20.28 6.22
CA GLU A 615 0.60 -19.34 6.16
C GLU A 615 -0.65 -19.95 6.80
N ILE A 616 -0.87 -21.25 6.60
CA ILE A 616 -1.96 -21.98 7.27
C ILE A 616 -1.81 -21.90 8.81
N LEU A 617 -0.56 -21.90 9.28
CA LEU A 617 -0.25 -21.81 10.68
C LEU A 617 -0.01 -20.41 11.19
N THR A 618 -0.31 -19.38 10.42
CA THR A 618 -0.25 -18.04 10.90
C THR A 618 -1.74 -17.69 11.11
N LEU A 619 -2.14 -17.51 12.39
CA LEU A 619 -3.53 -17.10 12.67
C LEU A 619 -3.87 -15.75 12.02
N PRO A 620 -5.13 -15.59 11.57
CA PRO A 620 -5.58 -14.29 11.10
C PRO A 620 -5.20 -13.20 12.06
N SER A 621 -4.80 -11.99 11.59
CA SER A 621 -4.47 -10.89 12.47
C SER A 621 -5.76 -10.38 13.19
N VAL A 622 -5.62 -9.51 14.17
CA VAL A 622 -6.79 -8.93 14.85
C VAL A 622 -7.66 -8.11 13.86
N ASN A 623 -7.04 -7.55 12.82
CA ASN A 623 -7.76 -6.87 11.74
C ASN A 623 -8.52 -7.76 10.86
N GLU A 624 -7.96 -8.90 10.48
CA GLU A 624 -8.74 -9.82 9.72
C GLU A 624 -9.88 -10.41 10.59
N MET A 625 -9.62 -10.63 11.87
N MET A 625 -9.61 -10.64 11.88
CA MET A 625 -10.67 -11.18 12.77
CA MET A 625 -10.64 -11.16 12.78
C MET A 625 -11.80 -10.19 12.90
C MET A 625 -11.80 -10.19 12.93
N ALA A 626 -11.48 -8.89 13.02
CA ALA A 626 -12.49 -7.83 13.16
C ALA A 626 -13.53 -7.81 11.98
N GLU A 627 -13.10 -8.22 10.78
N GLU A 627 -13.18 -8.21 10.79
CA GLU A 627 -13.96 -8.29 9.56
CA GLU A 627 -14.13 -8.08 9.70
C GLU A 627 -15.20 -9.16 9.80
C GLU A 627 -15.15 -9.27 9.65
N LEU A 628 -15.02 -10.24 10.58
CA LEU A 628 -16.06 -11.24 10.82
C LEU A 628 -17.27 -10.70 11.57
N PHE A 629 -17.17 -9.58 12.23
CA PHE A 629 -18.19 -9.10 13.15
C PHE A 629 -18.82 -7.82 12.66
N ASP A 630 -20.07 -7.61 12.99
CA ASP A 630 -20.74 -6.35 12.73
C ASP A 630 -20.32 -5.33 13.74
N ILE A 631 -20.38 -5.68 15.03
CA ILE A 631 -19.80 -4.85 16.06
C ILE A 631 -18.50 -5.46 16.58
N ILE A 632 -17.44 -4.68 16.61
CA ILE A 632 -16.14 -5.19 16.95
C ILE A 632 -15.98 -5.11 18.48
N ASP A 633 -15.52 -6.20 19.09
CA ASP A 633 -15.14 -6.21 20.48
C ASP A 633 -13.64 -6.39 20.49
N PRO A 634 -12.88 -5.28 20.60
CA PRO A 634 -11.44 -5.35 20.36
C PRO A 634 -10.70 -6.14 21.43
N ILE A 635 -11.22 -6.09 22.64
CA ILE A 635 -10.61 -6.81 23.75
C ILE A 635 -10.81 -8.30 23.61
N ALA A 636 -12.00 -8.71 23.22
CA ALA A 636 -12.27 -10.12 23.06
C ALA A 636 -11.45 -10.68 21.88
N ILE A 637 -11.33 -9.91 20.80
CA ILE A 637 -10.58 -10.40 19.63
C ILE A 637 -9.11 -10.67 19.99
N ALA A 638 -8.49 -9.74 20.69
CA ALA A 638 -7.09 -9.89 21.07
C ALA A 638 -6.98 -11.11 22.00
N GLU A 639 -7.86 -11.18 23.00
CA GLU A 639 -7.77 -12.29 23.93
C GLU A 639 -8.05 -13.63 23.30
N VAL A 640 -9.02 -13.71 22.39
CA VAL A 640 -9.28 -14.95 21.67
C VAL A 640 -8.08 -15.37 20.83
N ARG A 641 -7.40 -14.41 20.20
CA ARG A 641 -6.27 -14.79 19.31
C ARG A 641 -5.17 -15.41 20.16
N GLU A 642 -4.93 -14.82 21.32
CA GLU A 642 -3.97 -15.35 22.28
C GLU A 642 -4.37 -16.72 22.84
N ALA A 643 -5.64 -16.88 23.20
CA ALA A 643 -6.13 -18.17 23.77
C ALA A 643 -6.07 -19.25 22.71
N LEU A 644 -6.41 -18.93 21.50
CA LEU A 644 -6.36 -19.93 20.43
C LEU A 644 -4.92 -20.38 20.17
N THR A 645 -4.02 -19.42 20.20
CA THR A 645 -2.60 -19.69 20.11
C THR A 645 -2.12 -20.61 21.27
N ARG A 646 -2.52 -20.30 22.49
CA ARG A 646 -2.20 -21.17 23.65
C ARG A 646 -2.73 -22.58 23.53
N THR A 647 -3.95 -22.70 23.05
CA THR A 647 -4.61 -23.99 22.94
C THR A 647 -3.97 -24.85 21.86
N LEU A 648 -3.66 -24.28 20.71
CA LEU A 648 -3.00 -25.07 19.67
C LEU A 648 -1.58 -25.39 20.12
N ALA A 649 -0.97 -24.52 20.88
CA ALA A 649 0.36 -24.81 21.38
C ALA A 649 0.43 -26.05 22.29
N THR A 650 -0.45 -26.13 23.28
CA THR A 650 -0.66 -27.32 24.11
C THR A 650 -1.01 -28.56 23.29
N GLU A 651 -2.03 -28.47 22.46
CA GLU A 651 -2.46 -29.59 21.70
C GLU A 651 -1.47 -30.11 20.72
N LEU A 652 -0.66 -29.23 20.13
CA LEU A 652 0.25 -29.64 19.07
C LEU A 652 1.73 -29.52 19.51
N ALA A 653 1.97 -29.50 20.81
CA ALA A 653 3.31 -29.17 21.33
C ALA A 653 4.43 -30.01 20.70
N ASP A 654 4.22 -31.32 20.64
CA ASP A 654 5.28 -32.23 20.22
C ASP A 654 5.54 -32.02 18.74
N GLU A 655 4.48 -31.93 17.94
CA GLU A 655 4.58 -31.74 16.52
C GLU A 655 5.26 -30.38 16.19
N LEU A 656 4.95 -29.35 16.95
CA LEU A 656 5.49 -27.99 16.75
C LEU A 656 7.01 -27.98 16.95
N LEU A 657 7.43 -28.64 18.02
CA LEU A 657 8.80 -28.68 18.34
C LEU A 657 9.54 -29.48 17.31
N ALA A 658 8.96 -30.58 16.89
CA ALA A 658 9.60 -31.42 15.89
C ALA A 658 9.78 -30.65 14.57
N ILE A 659 8.78 -29.91 14.14
CA ILE A 659 8.87 -29.19 12.89
C ILE A 659 9.80 -27.99 13.08
N TYR A 660 9.76 -27.36 14.24
CA TYR A 660 10.73 -26.35 14.58
C TYR A 660 12.20 -26.87 14.41
N ASN A 661 12.50 -28.03 14.99
CA ASN A 661 13.87 -28.59 14.90
C ASN A 661 14.23 -29.08 13.50
N ALA A 662 13.27 -29.66 12.77
CA ALA A 662 13.59 -30.13 11.43
C ALA A 662 13.96 -29.03 10.41
N ASN A 663 13.49 -27.81 10.65
CA ASN A 663 13.69 -26.71 9.73
C ASN A 663 14.78 -25.78 10.09
N TYR A 664 15.57 -26.17 11.08
CA TYR A 664 16.78 -25.48 11.44
C TYR A 664 17.71 -25.34 10.21
N GLN A 665 18.26 -24.14 10.00
CA GLN A 665 19.18 -23.87 8.86
C GLN A 665 20.46 -23.25 9.42
N SER A 666 21.58 -23.87 9.07
CA SER A 666 22.86 -23.41 9.66
C SER A 666 23.34 -22.17 8.89
N GLU A 667 23.12 -22.16 7.58
CA GLU A 667 23.45 -21.01 6.76
C GLU A 667 22.21 -20.08 6.62
N TYR A 668 22.42 -18.77 6.71
CA TYR A 668 21.43 -17.77 6.27
C TYR A 668 21.64 -17.37 4.83
N ARG A 669 20.60 -17.49 4.04
CA ARG A 669 20.60 -16.96 2.70
C ARG A 669 19.24 -16.39 2.41
N VAL A 670 19.26 -15.37 1.55
CA VAL A 670 18.07 -14.73 1.01
C VAL A 670 17.63 -15.41 -0.26
N GLU A 671 16.97 -16.55 -0.10
CA GLU A 671 16.46 -17.33 -1.23
C GLU A 671 15.08 -17.81 -0.85
N HIS A 672 14.19 -17.93 -1.81
CA HIS A 672 12.83 -18.26 -1.53
C HIS A 672 12.60 -19.55 -0.78
N GLU A 673 13.31 -20.63 -1.11
CA GLU A 673 13.15 -21.89 -0.38
C GLU A 673 13.62 -21.70 1.03
N ASP A 674 14.75 -21.04 1.23
CA ASP A 674 15.22 -20.86 2.58
C ASP A 674 14.28 -19.93 3.39
N ILE A 675 13.79 -18.90 2.73
CA ILE A 675 12.77 -18.05 3.36
C ILE A 675 11.55 -18.84 3.80
N ALA A 676 11.06 -19.74 2.95
CA ALA A 676 9.88 -20.56 3.28
C ALA A 676 10.14 -21.43 4.50
N LYS A 677 11.30 -22.10 4.53
CA LYS A 677 11.63 -22.93 5.68
C LYS A 677 11.71 -22.15 6.96
N ARG A 678 12.28 -20.96 6.88
CA ARG A 678 12.41 -20.12 8.04
C ARG A 678 11.07 -19.55 8.56
N THR A 679 10.20 -19.23 7.62
CA THR A 679 8.87 -18.74 7.97
C THR A 679 8.05 -19.85 8.67
N LEU A 680 8.17 -21.10 8.21
CA LEU A 680 7.55 -22.21 8.93
C LEU A 680 8.15 -22.43 10.31
N ARG A 681 9.48 -22.43 10.38
CA ARG A 681 10.15 -22.59 11.66
C ARG A 681 9.65 -21.55 12.66
N ASN A 682 9.66 -20.28 12.24
CA ASN A 682 9.30 -19.23 13.12
C ASN A 682 7.80 -19.14 13.46
N ALA A 683 6.97 -19.63 12.57
CA ALA A 683 5.56 -19.81 12.87
C ALA A 683 5.41 -20.86 13.97
N CYS A 684 6.18 -21.96 13.92
CA CYS A 684 6.15 -22.93 15.02
C CYS A 684 6.67 -22.30 16.31
N LEU A 685 7.74 -21.51 16.23
CA LEU A 685 8.25 -20.93 17.43
C LEU A 685 7.20 -20.02 18.11
N ARG A 686 6.44 -19.32 17.31
CA ARG A 686 5.42 -18.45 17.84
C ARG A 686 4.43 -19.19 18.74
N PHE A 687 3.95 -20.34 18.29
CA PHE A 687 3.11 -21.21 19.10
C PHE A 687 3.87 -21.73 20.32
N LEU A 688 5.09 -22.21 20.12
CA LEU A 688 5.84 -22.73 21.23
C LEU A 688 6.03 -21.71 22.30
N ALA A 689 6.15 -20.43 21.93
CA ALA A 689 6.32 -19.41 22.90
C ALA A 689 5.16 -19.28 23.88
N PHE A 690 3.96 -19.65 23.39
CA PHE A 690 2.75 -19.58 24.18
C PHE A 690 2.47 -20.91 24.89
N GLY A 691 3.35 -21.90 24.79
CA GLY A 691 3.16 -23.14 25.51
C GLY A 691 3.76 -23.05 26.90
N GLU A 692 4.27 -24.18 27.32
CA GLU A 692 4.85 -24.30 28.63
C GLU A 692 5.98 -23.28 28.75
N THR A 693 5.92 -22.50 29.82
CA THR A 693 6.77 -21.36 29.99
C THR A 693 8.25 -21.59 30.03
N HIS A 694 8.70 -22.65 30.73
CA HIS A 694 10.14 -22.88 30.87
C HIS A 694 10.76 -23.22 29.52
N LEU A 695 10.14 -24.12 28.76
CA LEU A 695 10.64 -24.47 27.43
C LEU A 695 10.58 -23.25 26.50
N ALA A 696 9.52 -22.46 26.62
CA ALA A 696 9.35 -21.31 25.79
C ALA A 696 10.51 -20.39 25.98
N ASP A 697 10.73 -20.03 27.25
CA ASP A 697 11.81 -19.08 27.60
C ASP A 697 13.20 -19.53 27.07
N VAL A 698 13.44 -20.83 27.13
CA VAL A 698 14.70 -21.38 26.70
C VAL A 698 14.81 -21.33 25.20
N LEU A 699 13.79 -21.80 24.46
CA LEU A 699 13.85 -21.77 22.98
C LEU A 699 14.02 -20.35 22.43
N VAL A 700 13.24 -19.43 22.97
CA VAL A 700 13.20 -18.09 22.49
C VAL A 700 14.49 -17.33 22.78
N SER A 701 14.96 -17.36 24.02
CA SER A 701 16.20 -16.65 24.39
C SER A 701 17.40 -17.19 23.58
N LYS A 702 17.41 -18.47 23.39
CA LYS A 702 18.49 -19.11 22.65
C LYS A 702 18.47 -18.75 21.16
N GLN A 703 17.29 -18.79 20.56
CA GLN A 703 17.17 -18.31 19.16
C GLN A 703 17.65 -16.88 19.07
N PHE A 704 17.30 -16.04 20.03
CA PHE A 704 17.68 -14.64 19.95
C PHE A 704 19.22 -14.45 20.01
N HIS A 705 19.82 -15.09 21.02
CA HIS A 705 21.23 -14.98 21.29
C HIS A 705 22.06 -15.64 20.21
N GLU A 706 21.58 -16.69 19.58
CA GLU A 706 22.39 -17.39 18.58
C GLU A 706 22.13 -16.96 17.13
N ALA A 707 21.15 -16.10 16.91
CA ALA A 707 20.79 -15.65 15.57
C ALA A 707 21.94 -14.92 14.95
N ASN A 708 22.20 -15.30 13.72
CA ASN A 708 23.13 -14.64 12.78
C ASN A 708 22.37 -13.74 11.77
N ASN A 709 21.10 -13.39 12.03
CA ASN A 709 20.27 -12.64 11.08
C ASN A 709 19.10 -12.02 11.83
N MET A 710 18.63 -10.89 11.31
CA MET A 710 17.57 -10.17 11.94
C MET A 710 16.24 -10.93 11.89
N THR A 711 16.01 -11.78 10.88
CA THR A 711 14.78 -12.51 10.80
C THR A 711 14.58 -13.42 12.03
N ASP A 712 15.59 -14.18 12.37
CA ASP A 712 15.48 -15.12 13.44
C ASP A 712 15.55 -14.39 14.79
N ALA A 713 16.36 -13.33 14.88
CA ALA A 713 16.40 -12.58 16.13
C ALA A 713 15.05 -11.90 16.39
N LEU A 714 14.48 -11.30 15.37
CA LEU A 714 13.22 -10.56 15.59
C LEU A 714 12.02 -11.47 15.84
N ALA A 715 11.94 -12.59 15.16
CA ALA A 715 10.89 -13.57 15.47
C ALA A 715 10.95 -14.00 16.94
N ALA A 716 12.16 -14.21 17.47
CA ALA A 716 12.31 -14.55 18.90
C ALA A 716 11.96 -13.40 19.81
N LEU A 717 12.44 -12.21 19.48
CA LEU A 717 12.13 -11.07 20.32
C LEU A 717 10.62 -10.80 20.35
N SER A 718 9.98 -10.87 19.19
CA SER A 718 8.57 -10.62 19.05
C SER A 718 7.78 -11.64 19.88
N ALA A 719 8.19 -12.92 19.82
CA ALA A 719 7.51 -13.93 20.59
C ALA A 719 7.64 -13.68 22.08
N ALA A 720 8.82 -13.25 22.54
CA ALA A 720 9.00 -12.89 23.95
C ALA A 720 8.10 -11.76 24.45
N VAL A 721 7.92 -10.76 23.62
CA VAL A 721 7.01 -9.70 23.92
C VAL A 721 5.55 -10.19 23.96
N ALA A 722 5.15 -10.96 22.96
CA ALA A 722 3.77 -11.34 22.79
C ALA A 722 3.26 -12.31 23.88
N ALA A 723 4.13 -13.23 24.29
CA ALA A 723 3.85 -14.19 25.35
C ALA A 723 4.35 -13.73 26.72
N GLN A 724 4.93 -12.53 26.83
CA GLN A 724 5.41 -11.99 28.07
C GLN A 724 6.33 -12.96 28.82
N LEU A 725 7.30 -13.51 28.13
CA LEU A 725 8.23 -14.46 28.73
C LEU A 725 9.26 -13.76 29.64
N PRO A 726 9.81 -14.49 30.60
CA PRO A 726 10.79 -13.93 31.57
C PRO A 726 11.97 -13.19 30.94
N CYS A 727 12.49 -13.71 29.80
CA CYS A 727 13.59 -13.10 29.09
C CYS A 727 13.30 -11.77 28.39
N ARG A 728 12.04 -11.37 28.30
CA ARG A 728 11.62 -10.24 27.48
C ARG A 728 12.36 -8.94 27.74
N ASP A 729 12.42 -8.52 28.99
CA ASP A 729 13.01 -7.23 29.30
C ASP A 729 14.48 -7.15 28.94
N ALA A 730 15.19 -8.22 29.26
CA ALA A 730 16.59 -8.31 28.94
C ALA A 730 16.83 -8.34 27.42
N LEU A 731 16.04 -9.10 26.66
CA LEU A 731 16.22 -9.08 25.20
C LEU A 731 15.94 -7.70 24.62
N MET A 732 14.89 -7.03 25.12
CA MET A 732 14.52 -5.71 24.63
C MET A 732 15.60 -4.70 24.92
N GLN A 733 16.19 -4.77 26.12
CA GLN A 733 17.25 -3.84 26.51
C GLN A 733 18.54 -4.08 25.66
N GLU A 734 18.86 -5.34 25.42
CA GLU A 734 19.97 -5.68 24.53
C GLU A 734 19.80 -5.10 23.16
N TYR A 735 18.62 -5.27 22.56
CA TYR A 735 18.36 -4.75 21.22
C TYR A 735 18.52 -3.22 21.21
N ASP A 736 17.92 -2.55 22.16
CA ASP A 736 18.08 -1.10 22.30
C ASP A 736 19.59 -0.69 22.37
N ASP A 737 20.31 -1.34 23.28
CA ASP A 737 21.72 -1.00 23.48
C ASP A 737 22.51 -1.24 22.24
N LYS A 738 22.18 -2.27 21.50
CA LYS A 738 22.94 -2.53 20.27
C LYS A 738 22.54 -1.57 19.11
N TRP A 739 21.24 -1.26 18.96
CA TRP A 739 20.77 -0.70 17.70
C TRP A 739 20.22 0.68 17.79
N HIS A 740 20.28 1.33 18.95
CA HIS A 740 19.66 2.64 19.15
C HIS A 740 20.01 3.77 18.17
N GLN A 741 21.22 3.76 17.61
N GLN A 741 21.21 3.73 17.58
CA GLN A 741 21.66 4.80 16.70
CA GLN A 741 21.68 4.72 16.62
C GLN A 741 21.21 4.48 15.24
C GLN A 741 21.06 4.54 15.25
N ASN A 742 20.47 3.36 15.04
CA ASN A 742 19.86 2.96 13.75
C ASN A 742 18.33 3.02 13.72
N GLY A 743 17.81 4.13 13.26
CA GLY A 743 16.38 4.38 13.25
C GLY A 743 15.61 3.27 12.56
N LEU A 744 16.05 2.74 11.41
CA LEU A 744 15.24 1.73 10.72
C LEU A 744 15.12 0.46 11.52
N VAL A 745 16.18 0.15 12.23
CA VAL A 745 16.21 -1.04 13.05
C VAL A 745 15.38 -0.80 14.31
N MET A 746 15.45 0.42 14.83
CA MET A 746 14.65 0.74 16.00
C MET A 746 13.12 0.74 15.76
N ASP A 747 12.69 1.00 14.52
CA ASP A 747 11.27 0.99 14.17
C ASP A 747 10.65 -0.34 14.56
N LYS A 748 11.37 -1.45 14.36
CA LYS A 748 10.86 -2.78 14.75
C LYS A 748 10.63 -2.92 16.21
N TRP A 749 11.57 -2.38 16.99
CA TRP A 749 11.49 -2.35 18.46
C TRP A 749 10.38 -1.45 18.96
N PHE A 750 10.21 -0.28 18.37
CA PHE A 750 9.03 0.56 18.68
C PHE A 750 7.70 -0.14 18.37
N ILE A 751 7.63 -0.84 17.28
CA ILE A 751 6.41 -1.56 16.94
C ILE A 751 6.12 -2.66 17.96
N LEU A 752 7.17 -3.38 18.38
CA LEU A 752 7.00 -4.38 19.45
C LEU A 752 6.59 -3.71 20.78
N GLN A 753 7.18 -2.57 21.13
CA GLN A 753 6.69 -1.83 22.31
C GLN A 753 5.20 -1.47 22.21
N ALA A 754 4.86 -0.90 21.05
CA ALA A 754 3.52 -0.36 20.80
C ALA A 754 2.43 -1.42 20.80
N THR A 755 2.80 -2.63 20.37
CA THR A 755 1.89 -3.75 20.21
C THR A 755 1.99 -4.72 21.40
N SER A 756 2.68 -4.34 22.48
CA SER A 756 2.86 -5.26 23.58
C SER A 756 1.47 -5.57 24.25
N PRO A 757 1.22 -6.78 24.64
CA PRO A 757 -0.02 -7.03 25.41
C PRO A 757 0.06 -6.70 26.92
N ALA A 758 1.19 -6.24 27.40
CA ALA A 758 1.31 -5.92 28.81
C ALA A 758 0.32 -4.91 29.32
N ALA A 759 0.03 -4.99 30.61
CA ALA A 759 -1.08 -4.17 31.15
C ALA A 759 -0.76 -2.67 31.13
N ASN A 760 0.49 -2.29 31.25
CA ASN A 760 0.80 -0.84 31.29
C ASN A 760 1.40 -0.30 29.95
N VAL A 761 0.98 -0.87 28.83
CA VAL A 761 1.57 -0.54 27.52
C VAL A 761 1.45 0.96 27.18
N LEU A 762 0.31 1.58 27.45
CA LEU A 762 0.15 2.98 27.16
C LEU A 762 1.17 3.84 27.91
N GLU A 763 1.35 3.54 29.17
CA GLU A 763 2.32 4.26 30.00
C GLU A 763 3.72 4.07 29.39
N THR A 764 4.06 2.87 28.97
CA THR A 764 5.41 2.63 28.41
C THR A 764 5.59 3.39 27.09
N VAL A 765 4.57 3.35 26.23
CA VAL A 765 4.54 4.08 24.96
C VAL A 765 4.70 5.59 25.11
N ARG A 766 3.92 6.20 26.02
CA ARG A 766 4.09 7.59 26.35
C ARG A 766 5.52 7.92 26.78
N GLY A 767 6.07 7.12 27.66
CA GLY A 767 7.49 7.31 28.11
C GLY A 767 8.46 7.21 26.91
N LEU A 768 8.14 6.34 25.92
CA LEU A 768 8.99 6.21 24.73
C LEU A 768 8.99 7.46 23.82
N LEU A 769 8.09 8.42 24.00
CA LEU A 769 8.21 9.70 23.32
C LEU A 769 9.48 10.45 23.63
N GLN A 770 10.08 10.15 24.77
CA GLN A 770 11.39 10.68 25.14
C GLN A 770 12.55 9.76 24.82
N HIS A 771 12.32 8.62 24.19
CA HIS A 771 13.42 7.70 23.95
C HIS A 771 14.46 8.30 23.01
N ARG A 772 15.72 7.99 23.27
CA ARG A 772 16.86 8.41 22.41
C ARG A 772 16.73 8.18 20.89
N SER A 773 15.98 7.17 20.50
CA SER A 773 15.77 6.85 19.10
C SER A 773 14.44 7.33 18.50
N PHE A 774 13.59 7.96 19.32
CA PHE A 774 12.34 8.51 18.83
C PHE A 774 12.47 9.99 18.46
N THR A 775 11.82 10.41 17.38
CA THR A 775 11.59 11.86 17.18
C THR A 775 10.29 12.12 16.48
N MET A 776 9.54 13.12 16.98
CA MET A 776 8.28 13.54 16.36
C MET A 776 8.51 14.08 14.98
N SER A 777 9.73 14.42 14.59
CA SER A 777 9.90 15.04 13.26
C SER A 777 10.11 14.00 12.10
N ASN A 778 10.13 12.72 12.45
CA ASN A 778 10.41 11.69 11.49
C ASN A 778 9.19 10.76 11.32
N PRO A 779 8.60 10.75 10.15
CA PRO A 779 7.41 9.95 9.95
C PRO A 779 7.54 8.48 10.22
N ASN A 780 8.69 7.88 9.87
CA ASN A 780 8.85 6.46 10.21
C ASN A 780 8.79 6.20 11.73
N ARG A 781 9.44 7.04 12.52
CA ARG A 781 9.40 6.84 13.98
C ARG A 781 7.96 7.03 14.48
N ILE A 782 7.26 8.06 14.01
CA ILE A 782 5.89 8.26 14.40
C ILE A 782 4.98 7.04 14.09
N ARG A 783 5.11 6.48 12.89
CA ARG A 783 4.28 5.37 12.44
C ARG A 783 4.62 4.10 13.23
N SER A 784 5.89 3.95 13.57
CA SER A 784 6.32 2.78 14.31
C SER A 784 5.92 2.74 15.76
N LEU A 785 5.83 3.90 16.40
CA LEU A 785 5.41 3.96 17.79
C LEU A 785 3.94 4.25 17.95
N ILE A 786 3.51 5.39 17.46
CA ILE A 786 2.18 5.89 17.68
C ILE A 786 1.18 5.18 16.77
N GLY A 787 1.56 4.99 15.50
CA GLY A 787 0.65 4.41 14.54
C GLY A 787 0.43 2.95 14.84
N ALA A 788 1.49 2.24 15.22
CA ALA A 788 1.33 0.88 15.60
C ALA A 788 0.47 0.70 16.87
N PHE A 789 0.58 1.60 17.84
CA PHE A 789 -0.25 1.52 19.02
C PHE A 789 -1.76 1.63 18.64
N ALA A 790 -2.07 2.69 17.94
CA ALA A 790 -3.44 2.98 17.54
C ALA A 790 -4.03 1.97 16.56
N GLY A 791 -3.23 1.54 15.61
CA GLY A 791 -3.65 0.67 14.51
C GLY A 791 -3.47 -0.79 14.77
N SER A 792 -2.49 -1.18 15.58
CA SER A 792 -2.26 -2.59 15.80
C SER A 792 -2.30 -3.05 17.21
N ASN A 793 -2.68 -2.20 18.16
CA ASN A 793 -2.86 -2.69 19.50
C ASN A 793 -4.30 -2.35 19.91
N PRO A 794 -5.27 -2.92 19.20
CA PRO A 794 -6.66 -2.57 19.42
C PRO A 794 -7.10 -2.73 20.89
N ALA A 795 -6.57 -3.67 21.65
CA ALA A 795 -7.00 -3.82 22.99
C ALA A 795 -6.55 -2.69 23.86
N ALA A 796 -5.35 -2.17 23.64
CA ALA A 796 -4.89 -1.04 24.42
C ALA A 796 -5.47 0.26 23.87
N PHE A 797 -5.53 0.40 22.55
CA PHE A 797 -6.05 1.65 22.00
C PHE A 797 -7.49 1.84 22.46
N HIS A 798 -8.20 0.72 22.60
CA HIS A 798 -9.61 0.72 22.92
C HIS A 798 -9.92 0.42 24.41
N ALA A 799 -8.98 0.74 25.28
CA ALA A 799 -9.16 0.57 26.68
C ALA A 799 -10.45 1.28 27.03
N GLU A 800 -11.25 0.65 27.89
CA GLU A 800 -12.59 1.18 28.30
C GLU A 800 -12.56 2.58 28.86
N ASP A 801 -11.48 2.96 29.56
CA ASP A 801 -11.38 4.31 30.10
C ASP A 801 -11.15 5.39 29.07
N GLY A 802 -11.00 5.03 27.78
CA GLY A 802 -10.74 6.06 26.78
C GLY A 802 -9.34 6.67 26.78
N SER A 803 -8.42 6.10 27.54
CA SER A 803 -7.07 6.63 27.61
C SER A 803 -6.30 6.52 26.25
N GLY A 804 -6.61 5.51 25.45
CA GLY A 804 -6.00 5.37 24.13
C GLY A 804 -6.41 6.50 23.19
N TYR A 805 -7.69 6.83 23.27
CA TYR A 805 -8.21 7.88 22.43
C TYR A 805 -7.60 9.22 22.82
N LEU A 806 -7.42 9.47 24.10
CA LEU A 806 -6.86 10.73 24.53
C LEU A 806 -5.43 10.83 24.10
N PHE A 807 -4.70 9.74 24.20
CA PHE A 807 -3.32 9.75 23.79
C PHE A 807 -3.25 10.12 22.31
N LEU A 808 -4.10 9.50 21.48
CA LEU A 808 -4.07 9.80 20.05
C LEU A 808 -4.43 11.27 19.78
N VAL A 809 -5.42 11.80 20.51
CA VAL A 809 -5.79 13.20 20.35
C VAL A 809 -4.59 14.10 20.65
N GLU A 810 -3.90 13.84 21.74
CA GLU A 810 -2.72 14.67 22.04
C GLU A 810 -1.72 14.55 20.90
N MET A 811 -1.48 13.34 20.40
CA MET A 811 -0.49 13.26 19.33
C MET A 811 -0.97 14.01 18.08
N LEU A 812 -2.24 13.88 17.77
CA LEU A 812 -2.78 14.52 16.59
C LEU A 812 -2.82 16.02 16.67
N THR A 813 -2.96 16.53 17.88
CA THR A 813 -2.99 17.97 18.05
C THR A 813 -1.62 18.54 17.65
N ASP A 814 -0.53 17.81 17.94
CA ASP A 814 0.81 18.21 17.49
C ASP A 814 0.90 17.99 15.97
N LEU A 815 0.58 16.80 15.49
CA LEU A 815 0.82 16.48 14.02
C LEU A 815 -0.05 17.25 13.06
N ASN A 816 -1.23 17.69 13.50
CA ASN A 816 -2.06 18.53 12.68
C ASN A 816 -1.35 19.77 12.18
N SER A 817 -0.48 20.36 13.01
CA SER A 817 0.30 21.53 12.62
C SER A 817 1.66 21.16 12.03
N ARG A 818 2.29 20.07 12.47
CA ARG A 818 3.61 19.69 11.99
C ARG A 818 3.57 18.97 10.60
N ASN A 819 2.70 17.98 10.48
CA ASN A 819 2.69 17.12 9.29
C ASN A 819 1.32 16.52 9.14
N PRO A 820 0.43 17.25 8.47
CA PRO A 820 -0.93 16.78 8.30
C PRO A 820 -1.11 15.47 7.61
N GLN A 821 -0.22 15.11 6.72
CA GLN A 821 -0.37 13.83 6.01
C GLN A 821 -0.18 12.68 6.96
N VAL A 822 0.80 12.80 7.85
CA VAL A 822 1.01 11.75 8.81
C VAL A 822 -0.14 11.77 9.84
N ALA A 823 -0.62 12.95 10.22
CA ALA A 823 -1.78 13.03 11.11
C ALA A 823 -2.99 12.28 10.53
N SER A 824 -3.21 12.45 9.23
CA SER A 824 -4.38 11.85 8.63
C SER A 824 -4.31 10.33 8.55
N ARG A 825 -3.13 9.82 8.36
CA ARG A 825 -2.92 8.40 8.42
C ARG A 825 -3.21 7.89 9.83
N LEU A 826 -2.70 8.62 10.82
CA LEU A 826 -2.86 8.22 12.21
C LEU A 826 -4.30 8.34 12.78
N ILE A 827 -5.09 9.23 12.21
CA ILE A 827 -6.51 9.36 12.69
C ILE A 827 -7.43 8.18 12.32
N GLU A 828 -6.97 7.34 11.41
CA GLU A 828 -7.89 6.37 10.82
C GLU A 828 -8.63 5.48 11.83
N PRO A 829 -7.95 5.03 12.89
CA PRO A 829 -8.68 4.19 13.86
C PRO A 829 -9.83 4.89 14.60
N LEU A 830 -9.81 6.21 14.75
CA LEU A 830 -10.94 6.93 15.40
C LEU A 830 -12.11 7.03 14.48
N ILE A 831 -11.86 7.09 13.18
CA ILE A 831 -12.98 7.26 12.27
C ILE A 831 -13.77 5.98 12.03
N ARG A 832 -13.29 4.88 12.60
CA ARG A 832 -14.05 3.67 12.58
C ARG A 832 -15.03 3.54 13.73
N LEU A 833 -15.33 4.60 14.43
CA LEU A 833 -16.20 4.51 15.64
C LEU A 833 -17.53 3.78 15.53
N LYS A 834 -18.14 3.74 14.36
CA LYS A 834 -19.47 3.18 14.28
C LYS A 834 -19.41 1.67 14.27
N ARG A 835 -18.23 1.06 14.18
CA ARG A 835 -18.08 -0.37 14.29
C ARG A 835 -18.06 -0.85 15.77
N TYR A 836 -18.05 0.07 16.73
CA TYR A 836 -17.83 -0.25 18.14
C TYR A 836 -19.10 -0.08 18.97
N ASP A 837 -19.06 -0.54 20.22
CA ASP A 837 -20.21 -0.46 21.15
C ASP A 837 -20.48 0.97 21.55
N ALA A 838 -21.67 1.20 22.06
CA ALA A 838 -22.17 2.57 22.33
C ALA A 838 -21.26 3.39 23.18
N LYS A 839 -20.72 2.80 24.24
CA LYS A 839 -19.83 3.51 25.17
C LYS A 839 -18.50 3.93 24.50
N ARG A 840 -17.87 3.00 23.79
CA ARG A 840 -16.66 3.36 23.02
C ARG A 840 -16.94 4.39 21.95
N GLN A 841 -18.07 4.19 21.30
CA GLN A 841 -18.46 5.07 20.25
C GLN A 841 -18.60 6.50 20.71
N GLU A 842 -19.23 6.69 21.87
CA GLU A 842 -19.39 8.03 22.46
C GLU A 842 -18.03 8.65 22.87
N LYS A 843 -17.12 7.87 23.40
CA LYS A 843 -15.79 8.44 23.68
C LYS A 843 -14.99 8.77 22.43
N MET A 844 -15.15 7.94 21.39
CA MET A 844 -14.42 8.20 20.13
C MET A 844 -14.97 9.49 19.51
N ARG A 845 -16.28 9.66 19.64
CA ARG A 845 -16.96 10.82 19.10
C ARG A 845 -16.46 12.06 19.80
N ALA A 846 -16.33 12.01 21.11
CA ALA A 846 -15.83 13.16 21.85
C ALA A 846 -14.38 13.52 21.48
N ALA A 847 -13.54 12.50 21.27
CA ALA A 847 -12.17 12.72 20.74
C ALA A 847 -12.22 13.41 19.37
N LEU A 848 -13.06 12.91 18.47
CA LEU A 848 -13.20 13.58 17.18
C LEU A 848 -13.67 15.03 17.29
N GLU A 849 -14.65 15.25 18.15
CA GLU A 849 -15.17 16.63 18.35
C GLU A 849 -14.08 17.54 18.93
N GLN A 850 -13.25 17.02 19.79
CA GLN A 850 -12.17 17.82 20.24
C GLN A 850 -11.20 18.19 19.10
N LEU A 851 -10.84 17.23 18.25
CA LEU A 851 -10.00 17.55 17.09
C LEU A 851 -10.66 18.50 16.12
N LYS A 852 -11.96 18.35 15.92
CA LYS A 852 -12.71 19.27 15.07
C LYS A 852 -12.55 20.70 15.56
N GLY A 853 -12.41 20.94 16.85
CA GLY A 853 -12.20 22.30 17.38
C GLY A 853 -10.76 22.83 17.36
N LEU A 854 -9.79 22.07 16.79
CA LEU A 854 -8.42 22.59 16.71
C LEU A 854 -8.43 23.91 15.96
N GLU A 855 -7.60 24.84 16.42
CA GLU A 855 -7.37 26.04 15.66
C GLU A 855 -6.44 25.63 14.47
N ASN A 856 -6.73 26.17 13.32
CA ASN A 856 -6.08 25.75 12.06
C ASN A 856 -6.10 24.22 11.84
N LEU A 857 -7.28 23.65 11.87
CA LEU A 857 -7.47 22.31 11.50
C LEU A 857 -7.07 22.15 10.03
N SER A 858 -6.21 21.20 9.76
CA SER A 858 -5.81 20.94 8.38
C SER A 858 -6.99 20.35 7.58
N GLY A 859 -7.01 20.62 6.28
CA GLY A 859 -7.96 20.02 5.32
C GLY A 859 -7.88 18.52 5.41
N ASP A 860 -6.69 18.00 5.65
CA ASP A 860 -6.48 16.53 5.69
C ASP A 860 -7.32 15.88 6.80
N LEU A 861 -7.32 16.48 7.97
CA LEU A 861 -8.09 15.95 9.09
C LEU A 861 -9.54 16.33 8.99
N TYR A 862 -9.80 17.54 8.53
CA TYR A 862 -11.15 17.97 8.38
C TYR A 862 -12.00 17.01 7.53
N GLU A 863 -11.46 16.54 6.41
CA GLU A 863 -12.22 15.69 5.51
C GLU A 863 -12.66 14.42 6.27
N LYS A 864 -11.74 13.85 7.04
CA LYS A 864 -12.02 12.57 7.70
C LYS A 864 -12.92 12.80 8.89
N ILE A 865 -12.65 13.86 9.64
CA ILE A 865 -13.52 14.16 10.83
C ILE A 865 -15.00 14.46 10.46
N THR A 866 -15.24 15.29 9.44
N THR A 866 -15.25 15.29 9.45
CA THR A 866 -16.62 15.60 9.09
CA THR A 866 -16.64 15.62 9.06
C THR A 866 -17.35 14.36 8.60
C THR A 866 -17.42 14.45 8.41
N LYS A 867 -16.71 13.49 7.83
CA LYS A 867 -17.37 12.25 7.41
C LYS A 867 -17.72 11.32 8.60
N ALA A 868 -16.81 11.25 9.55
CA ALA A 868 -16.94 10.40 10.71
C ALA A 868 -18.07 10.88 11.66
N LEU A 869 -18.19 12.18 11.83
CA LEU A 869 -19.20 12.78 12.72
C LEU A 869 -20.56 12.95 12.05
N ALA A 870 -20.61 12.76 10.73
CA ALA A 870 -21.88 12.77 10.00
C ALA A 870 -22.74 11.49 10.26
#